data_7S3Y
#
_entry.id   7S3Y
#
_cell.length_a   51.430
_cell.length_b   110.381
_cell.length_c   163.580
_cell.angle_alpha   90.000
_cell.angle_beta   90.000
_cell.angle_gamma   90.000
#
_symmetry.space_group_name_H-M   'P 21 21 21'
#
loop_
_entity.id
_entity.type
_entity.pdbx_description
1 polymer 'Nitric oxide synthase, brain'
2 non-polymer 'PROTOPORPHYRIN IX CONTAINING FE'
3 non-polymer 5,6,7,8-TETRAHYDROBIOPTERIN
4 non-polymer 7-({3-[2-(6-aminopyridin-2-yl)ethyl]phenoxy}methyl)quinolin-2-amine
5 non-polymer 'ACETATE ION'
6 non-polymer GLYCEROL
7 non-polymer 'ZINC ION'
8 water water
#
_entity_poly.entity_id   1
_entity_poly.type   'polypeptide(L)'
_entity_poly.pdbx_seq_one_letter_code
;CPRFLKVKNWETDVVLTDTLHLKSTLETGCTEHICMGSIMLPSQHTRKPEDVRTKDQLFPLAKEFLDQYYSSIKRFGSKA
HMDRLEEVNKEIESTSTYQLKDTELIYGAKHAWRNASRCVGRIQWSKLQVFDARDCTTAHGMFNYICNHVKYATNKGNLR
SAITIFPQRTDGKHDFRVWNSQLIRYAGYKQPDGSTLGDPANVQFTEICIQQGWKAPRGRFDVLPLLLQANGNDPELFQI
PPELVLEVPIRHPKFDWFKDLGLKWYGLPAVSNMLLEIGGLEFSACPFSGWYMGTEIGVRDYCDNSRYNILEEVAKKMDL
DMRKTSSLWKDQALVEINIAVLYSFQSDKVTIVDHHSATESFIKHMENEYRCRGGCPADWVWIVPPMSGSITPVFHQEML
NYRLTPSFEYQPDPWNTHVWKG
;
_entity_poly.pdbx_strand_id   A,B
#
loop_
_chem_comp.id
_chem_comp.type
_chem_comp.name
_chem_comp.formula
ACT non-polymer 'ACETATE ION' 'C2 H3 O2 -1'
GOL non-polymer GLYCEROL 'C3 H8 O3'
H4B non-polymer 5,6,7,8-TETRAHYDROBIOPTERIN 'C9 H15 N5 O3'
HEM non-polymer 'PROTOPORPHYRIN IX CONTAINING FE' 'C34 H32 Fe N4 O4'
V5G non-polymer 7-({3-[2-(6-aminopyridin-2-yl)ethyl]phenoxy}methyl)quinolin-2-amine 'C23 H22 N4 O'
ZN non-polymer 'ZINC ION' 'Zn 2'
#
# COMPACT_ATOMS: atom_id res chain seq x y z
N ARG A 3 9.60 -14.35 -17.11
CA ARG A 3 9.21 -15.26 -16.05
C ARG A 3 10.27 -15.32 -14.93
N PHE A 4 11.45 -14.74 -15.20
CA PHE A 4 12.43 -14.44 -14.17
C PHE A 4 12.27 -12.94 -13.89
N LEU A 5 11.67 -12.60 -12.75
CA LEU A 5 11.15 -11.26 -12.51
C LEU A 5 12.12 -10.43 -11.70
N LYS A 6 12.21 -9.15 -12.03
CA LYS A 6 13.03 -8.20 -11.30
C LYS A 6 12.15 -7.29 -10.46
N VAL A 7 12.65 -6.92 -9.27
CA VAL A 7 12.02 -5.91 -8.43
C VAL A 7 13.02 -4.79 -8.25
N LYS A 8 12.61 -3.58 -8.59
CA LYS A 8 13.42 -2.39 -8.40
C LYS A 8 13.04 -1.69 -7.10
N ASN A 9 14.04 -1.19 -6.39
CA ASN A 9 13.83 -0.20 -5.34
C ASN A 9 14.04 1.18 -5.96
N TRP A 10 13.04 2.05 -5.87
CA TRP A 10 13.09 3.32 -6.57
C TRP A 10 13.81 4.41 -5.79
N GLU A 11 13.99 4.23 -4.47
CA GLU A 11 14.80 5.13 -3.66
CA GLU A 11 14.80 5.18 -3.72
C GLU A 11 16.29 4.93 -3.92
N THR A 12 16.69 3.69 -4.24
CA THR A 12 18.10 3.30 -4.37
C THR A 12 18.48 2.70 -5.72
N ASP A 13 17.53 2.45 -6.61
CA ASP A 13 17.76 1.85 -7.92
C ASP A 13 18.24 0.41 -7.83
N VAL A 14 18.33 -0.16 -6.63
CA VAL A 14 18.75 -1.55 -6.51
C VAL A 14 17.68 -2.47 -7.09
N VAL A 15 18.12 -3.37 -7.96
CA VAL A 15 17.24 -4.32 -8.65
C VAL A 15 17.62 -5.73 -8.21
N LEU A 16 16.62 -6.51 -7.79
CA LEU A 16 16.79 -7.91 -7.46
C LEU A 16 16.00 -8.75 -8.45
N THR A 17 16.50 -9.94 -8.75
CA THR A 17 15.82 -10.87 -9.65
C THR A 17 15.18 -11.98 -8.84
N ASP A 18 13.88 -12.21 -9.08
CA ASP A 18 13.12 -13.20 -8.33
C ASP A 18 12.92 -14.43 -9.20
N THR A 19 13.54 -15.53 -8.79
CA THR A 19 13.25 -16.84 -9.35
C THR A 19 12.43 -17.70 -8.40
N LEU A 20 12.43 -17.37 -7.11
CA LEU A 20 11.75 -18.18 -6.10
C LEU A 20 10.26 -18.30 -6.39
N HIS A 21 9.67 -17.32 -7.06
CA HIS A 21 8.22 -17.32 -7.26
C HIS A 21 7.79 -18.49 -8.12
N LEU A 22 8.68 -18.99 -8.99
CA LEU A 22 8.32 -20.12 -9.83
C LEU A 22 8.08 -21.39 -9.01
N LYS A 23 8.62 -21.46 -7.79
CA LYS A 23 8.25 -22.55 -6.89
C LYS A 23 6.85 -22.38 -6.32
N SER A 24 6.18 -21.26 -6.57
CA SER A 24 4.89 -21.01 -5.93
C SER A 24 3.87 -22.06 -6.38
N THR A 25 3.12 -22.57 -5.41
CA THR A 25 2.09 -23.56 -5.68
C THR A 25 0.70 -22.95 -5.60
N LEU A 26 0.35 -22.38 -4.44
CA LEU A 26 -1.00 -21.89 -4.20
C LEU A 26 -1.28 -20.63 -5.02
N GLU A 27 -2.55 -20.22 -5.02
CA GLU A 27 -3.01 -19.14 -5.85
C GLU A 27 -3.21 -17.86 -5.04
N THR A 28 -3.01 -16.72 -5.72
CA THR A 28 -3.02 -15.42 -5.06
C THR A 28 -4.40 -14.77 -4.99
N GLY A 29 -5.36 -15.22 -5.81
CA GLY A 29 -6.61 -14.52 -5.97
C GLY A 29 -6.62 -13.50 -7.10
N CYS A 30 -5.46 -13.06 -7.58
CA CYS A 30 -5.45 -12.16 -8.73
C CYS A 30 -5.63 -12.93 -10.03
N THR A 31 -5.95 -12.18 -11.08
CA THR A 31 -5.93 -12.69 -12.45
C THR A 31 -5.32 -11.61 -13.34
N GLU A 32 -5.10 -11.95 -14.61
CA GLU A 32 -4.60 -10.96 -15.54
C GLU A 32 -5.57 -9.80 -15.73
N HIS A 33 -6.85 -10.02 -15.43
CA HIS A 33 -7.84 -8.97 -15.58
C HIS A 33 -8.06 -8.15 -14.31
N ILE A 34 -7.65 -8.65 -13.14
CA ILE A 34 -7.99 -7.96 -11.90
C ILE A 34 -7.00 -8.31 -10.80
N CYS A 35 -6.49 -7.27 -10.14
CA CYS A 35 -5.55 -7.43 -9.06
C CYS A 35 -6.30 -7.35 -7.75
N MET A 36 -6.09 -8.35 -6.88
CA MET A 36 -6.74 -8.40 -5.57
C MET A 36 -5.76 -8.16 -4.44
N GLY A 37 -4.65 -7.47 -4.74
CA GLY A 37 -3.62 -7.25 -3.74
C GLY A 37 -4.10 -6.60 -2.45
N SER A 38 -5.20 -5.84 -2.50
CA SER A 38 -5.71 -5.17 -1.31
C SER A 38 -6.89 -5.88 -0.66
N ILE A 39 -7.22 -7.09 -1.09
CA ILE A 39 -8.29 -7.86 -0.46
C ILE A 39 -7.73 -8.59 0.75
N MET A 40 -8.45 -8.50 1.88
CA MET A 40 -8.00 -9.14 3.12
C MET A 40 -7.77 -10.65 2.94
N LEU A 41 -8.75 -11.35 2.38
CA LEU A 41 -8.61 -12.79 2.09
C LEU A 41 -9.25 -13.09 0.74
N PRO A 42 -8.45 -13.13 -0.35
CA PRO A 42 -9.00 -13.44 -1.68
C PRO A 42 -9.18 -14.94 -1.91
N THR A 54 -7.34 -35.66 1.51
CA THR A 54 -7.54 -37.03 1.07
C THR A 54 -6.19 -37.66 0.72
N LYS A 55 -6.14 -39.01 0.74
CA LYS A 55 -4.87 -39.72 0.57
C LYS A 55 -4.14 -39.28 -0.70
N ASP A 56 -4.89 -39.05 -1.78
CA ASP A 56 -4.27 -38.70 -3.06
C ASP A 56 -3.71 -37.28 -3.04
N GLN A 57 -4.41 -36.35 -2.40
CA GLN A 57 -3.89 -34.99 -2.33
C GLN A 57 -2.70 -34.88 -1.38
N LEU A 58 -2.63 -35.77 -0.40
CA LEU A 58 -1.68 -35.55 0.70
C LEU A 58 -0.25 -35.92 0.30
N PHE A 59 -0.04 -37.06 -0.36
CA PHE A 59 1.34 -37.47 -0.62
C PHE A 59 2.12 -36.51 -1.52
N PRO A 60 1.56 -35.95 -2.61
CA PRO A 60 2.33 -34.92 -3.33
C PRO A 60 2.74 -33.77 -2.43
N LEU A 61 1.85 -33.34 -1.54
CA LEU A 61 2.22 -32.30 -0.58
C LEU A 61 3.39 -32.74 0.29
N ALA A 62 3.36 -34.00 0.77
CA ALA A 62 4.43 -34.52 1.59
C ALA A 62 5.74 -34.54 0.81
N LYS A 63 5.69 -35.05 -0.41
CA LYS A 63 6.88 -35.15 -1.25
C LYS A 63 7.49 -33.77 -1.47
N GLU A 64 6.66 -32.77 -1.77
CA GLU A 64 7.20 -31.44 -2.01
C GLU A 64 7.91 -30.90 -0.77
N PHE A 65 7.28 -31.04 0.41
CA PHE A 65 7.89 -30.52 1.62
C PHE A 65 9.17 -31.29 1.97
N LEU A 66 9.11 -32.63 1.91
CA LEU A 66 10.30 -33.43 2.19
C LEU A 66 11.40 -33.18 1.18
N ASP A 67 11.03 -32.91 -0.07
CA ASP A 67 12.03 -32.59 -1.08
C ASP A 67 12.79 -31.30 -0.72
N GLN A 68 12.07 -30.26 -0.28
CA GLN A 68 12.79 -29.07 0.11
C GLN A 68 13.53 -29.26 1.43
N TYR A 69 12.96 -30.03 2.36
CA TYR A 69 13.65 -30.29 3.62
C TYR A 69 15.02 -30.95 3.37
N TYR A 70 15.04 -32.01 2.57
CA TYR A 70 16.30 -32.73 2.37
C TYR A 70 17.27 -31.94 1.49
N SER A 71 16.74 -31.09 0.61
CA SER A 71 17.58 -30.14 -0.10
C SER A 71 18.20 -29.13 0.87
N SER A 72 17.42 -28.64 1.84
CA SER A 72 17.92 -27.63 2.76
C SER A 72 18.98 -28.18 3.70
N ILE A 73 19.05 -29.50 3.90
CA ILE A 73 20.13 -30.10 4.64
C ILE A 73 21.14 -30.77 3.71
N LYS A 74 21.04 -30.50 2.40
CA LYS A 74 22.01 -30.95 1.40
C LYS A 74 22.12 -32.47 1.38
N ARG A 75 21.00 -33.15 1.59
CA ARG A 75 20.90 -34.60 1.43
C ARG A 75 19.84 -34.94 0.39
N PHE A 76 19.61 -34.03 -0.55
CA PHE A 76 18.68 -34.27 -1.63
C PHE A 76 19.18 -35.42 -2.51
N GLY A 77 18.30 -36.35 -2.80
CA GLY A 77 18.70 -37.52 -3.56
C GLY A 77 19.55 -38.51 -2.79
N SER A 78 19.55 -38.43 -1.46
CA SER A 78 20.34 -39.32 -0.62
C SER A 78 19.50 -40.50 -0.15
N LYS A 79 20.19 -41.53 0.32
CA LYS A 79 19.49 -42.69 0.88
C LYS A 79 18.48 -42.25 1.93
N ALA A 80 18.93 -41.47 2.91
CA ALA A 80 18.03 -40.95 3.94
C ALA A 80 16.85 -40.21 3.32
N HIS A 81 17.10 -39.36 2.32
CA HIS A 81 15.99 -38.72 1.60
C HIS A 81 15.04 -39.76 1.05
N MET A 82 15.53 -40.63 0.17
CA MET A 82 14.68 -41.65 -0.45
C MET A 82 13.99 -42.52 0.58
N ASP A 83 14.68 -42.89 1.65
CA ASP A 83 14.06 -43.76 2.64
C ASP A 83 12.93 -43.05 3.38
N ARG A 84 13.13 -41.78 3.72
CA ARG A 84 12.08 -41.02 4.38
C ARG A 84 10.89 -40.81 3.45
N LEU A 85 11.15 -40.60 2.17
CA LEU A 85 10.06 -40.47 1.21
C LEU A 85 9.24 -41.75 1.17
N GLU A 86 9.92 -42.90 1.10
CA GLU A 86 9.23 -44.18 1.14
C GLU A 86 8.47 -44.37 2.45
N GLU A 87 9.12 -44.04 3.57
CA GLU A 87 8.49 -44.22 4.87
C GLU A 87 7.20 -43.41 4.97
N VAL A 88 7.23 -42.15 4.55
CA VAL A 88 6.02 -41.33 4.63
C VAL A 88 4.99 -41.82 3.62
N ASN A 89 5.45 -42.25 2.45
CA ASN A 89 4.56 -42.86 1.46
C ASN A 89 3.83 -44.06 2.05
N LYS A 90 4.57 -44.94 2.76
CA LYS A 90 3.93 -46.11 3.33
C LYS A 90 2.94 -45.72 4.43
N GLU A 91 3.28 -44.70 5.22
CA GLU A 91 2.42 -44.31 6.35
C GLU A 91 1.13 -43.67 5.85
N ILE A 92 1.21 -42.88 4.78
CA ILE A 92 0.02 -42.30 4.17
C ILE A 92 -0.89 -43.37 3.58
N GLU A 93 -0.32 -44.23 2.71
CA GLU A 93 -1.07 -45.34 2.13
C GLU A 93 -1.84 -46.10 3.20
N SER A 94 -1.19 -46.37 4.33
CA SER A 94 -1.82 -47.08 5.44
C SER A 94 -2.69 -46.15 6.28
N THR A 95 -2.05 -45.28 7.07
CA THR A 95 -2.74 -44.52 8.11
C THR A 95 -3.59 -43.38 7.57
N SER A 96 -3.50 -43.05 6.27
CA SER A 96 -4.19 -41.96 5.60
C SER A 96 -3.74 -40.58 6.07
N THR A 97 -2.80 -40.51 7.00
CA THR A 97 -2.07 -39.28 7.29
C THR A 97 -0.62 -39.68 7.56
N TYR A 98 0.12 -38.82 8.25
CA TYR A 98 1.47 -39.16 8.66
C TYR A 98 1.94 -38.15 9.70
N GLN A 99 3.08 -38.46 10.31
CA GLN A 99 3.63 -37.66 11.38
C GLN A 99 4.98 -37.11 10.96
N LEU A 100 5.25 -35.86 11.35
CA LEU A 100 6.52 -35.22 11.02
C LEU A 100 7.55 -35.59 12.06
N LYS A 101 8.76 -35.92 11.60
CA LYS A 101 9.91 -35.89 12.51
C LYS A 101 10.02 -34.51 13.13
N ASP A 102 10.51 -34.48 14.38
CA ASP A 102 10.74 -33.22 15.07
C ASP A 102 11.51 -32.24 14.20
N THR A 103 12.55 -32.73 13.52
CA THR A 103 13.35 -31.87 12.66
C THR A 103 12.51 -31.24 11.56
N GLU A 104 11.63 -32.05 10.93
CA GLU A 104 10.77 -31.52 9.88
C GLU A 104 9.75 -30.55 10.44
N LEU A 105 9.27 -30.81 11.65
CA LEU A 105 8.33 -29.88 12.29
C LEU A 105 8.98 -28.52 12.52
N ILE A 106 10.23 -28.51 12.97
CA ILE A 106 10.91 -27.24 13.24
C ILE A 106 11.19 -26.49 11.95
N TYR A 107 11.75 -27.18 10.96
CA TYR A 107 11.93 -26.61 9.63
C TYR A 107 10.61 -26.10 9.08
N GLY A 108 9.56 -26.93 9.15
CA GLY A 108 8.26 -26.51 8.65
C GLY A 108 7.76 -25.24 9.29
N ALA A 109 7.94 -25.11 10.61
CA ALA A 109 7.41 -23.97 11.33
C ALA A 109 8.18 -22.70 10.98
N LYS A 110 9.51 -22.81 10.99
CA LYS A 110 10.35 -21.68 10.65
C LYS A 110 10.07 -21.20 9.24
N HIS A 111 9.82 -22.14 8.33
CA HIS A 111 9.64 -21.76 6.94
C HIS A 111 8.24 -21.23 6.66
N ALA A 112 7.26 -21.57 7.50
CA ALA A 112 5.95 -20.93 7.38
C ALA A 112 6.06 -19.45 7.75
N TRP A 113 6.88 -19.12 8.75
CA TRP A 113 7.19 -17.73 9.05
C TRP A 113 8.01 -17.11 7.92
N ARG A 114 9.03 -17.84 7.44
CA ARG A 114 9.87 -17.34 6.36
C ARG A 114 9.04 -16.97 5.14
N ASN A 115 7.97 -17.71 4.88
CA ASN A 115 7.11 -17.48 3.72
C ASN A 115 5.92 -16.59 4.02
N ALA A 116 5.82 -16.04 5.23
CA ALA A 116 4.68 -15.21 5.58
C ALA A 116 4.80 -13.85 4.93
N SER A 117 4.25 -13.71 3.71
CA SER A 117 4.55 -12.56 2.88
C SER A 117 4.07 -11.24 3.48
N ARG A 118 3.15 -11.29 4.43
CA ARG A 118 2.66 -10.09 5.06
C ARG A 118 3.44 -9.70 6.29
N CYS A 119 4.50 -10.42 6.65
CA CYS A 119 5.19 -10.20 7.92
C CYS A 119 6.45 -9.38 7.68
N VAL A 120 6.52 -8.19 8.29
CA VAL A 120 7.71 -7.34 8.14
C VAL A 120 8.86 -7.85 8.99
N GLY A 121 8.59 -8.80 9.90
CA GLY A 121 9.54 -9.23 10.90
C GLY A 121 10.37 -10.45 10.55
N ARG A 122 10.25 -10.97 9.32
CA ARG A 122 10.82 -12.26 8.96
C ARG A 122 12.34 -12.29 8.97
N ILE A 123 13.05 -11.20 9.26
CA ILE A 123 14.51 -11.32 9.29
C ILE A 123 14.94 -12.26 10.41
N GLN A 124 14.05 -12.47 11.38
CA GLN A 124 14.28 -13.30 12.54
C GLN A 124 13.84 -14.74 12.36
N TRP A 125 13.40 -15.11 11.15
CA TRP A 125 12.62 -16.33 10.98
C TRP A 125 13.37 -17.55 11.49
N SER A 126 14.69 -17.60 11.30
CA SER A 126 15.42 -18.83 11.63
C SER A 126 15.58 -19.01 13.14
N LYS A 127 15.48 -17.94 13.91
CA LYS A 127 15.58 -18.00 15.37
C LYS A 127 14.18 -18.10 15.98
N LEU A 128 13.48 -19.16 15.61
CA LEU A 128 12.16 -19.44 16.14
C LEU A 128 12.26 -20.62 17.11
N GLN A 129 11.66 -20.46 18.28
CA GLN A 129 11.63 -21.53 19.26
C GLN A 129 10.37 -22.33 19.02
N VAL A 130 10.52 -23.60 18.65
CA VAL A 130 9.39 -24.45 18.34
C VAL A 130 9.13 -25.36 19.54
N PHE A 131 7.94 -25.26 20.11
CA PHE A 131 7.51 -26.15 21.19
C PHE A 131 6.56 -27.18 20.63
N ASP A 132 6.96 -28.45 20.67
CA ASP A 132 6.19 -29.55 20.15
C ASP A 132 5.14 -29.92 21.20
N ALA A 133 3.88 -29.63 20.92
CA ALA A 133 2.79 -29.97 21.81
C ALA A 133 1.87 -31.01 21.19
N ARG A 134 2.39 -31.81 20.26
CA ARG A 134 1.55 -32.81 19.61
C ARG A 134 1.20 -33.97 20.54
N ASP A 135 1.81 -34.06 21.73
CA ASP A 135 1.41 -35.03 22.74
C ASP A 135 0.25 -34.55 23.60
N CYS A 136 -0.27 -33.36 23.36
CA CYS A 136 -1.31 -32.78 24.18
C CYS A 136 -2.68 -33.39 23.88
N THR A 137 -3.51 -33.58 24.92
CA THR A 137 -4.83 -34.18 24.73
C THR A 137 -6.00 -33.43 25.34
N THR A 138 -5.79 -32.43 26.21
CA THR A 138 -6.89 -31.79 26.91
C THR A 138 -6.70 -30.29 26.90
N ALA A 139 -7.77 -29.56 27.21
CA ALA A 139 -7.67 -28.11 27.31
C ALA A 139 -6.72 -27.72 28.43
N HIS A 140 -6.83 -28.38 29.60
CA HIS A 140 -5.89 -28.15 30.69
C HIS A 140 -4.46 -28.34 30.21
N GLY A 141 -4.21 -29.45 29.53
CA GLY A 141 -2.90 -29.66 28.92
C GLY A 141 -2.49 -28.52 28.00
N MET A 142 -3.42 -28.09 27.13
CA MET A 142 -3.18 -26.93 26.26
C MET A 142 -2.83 -25.71 27.11
N PHE A 143 -3.60 -25.48 28.17
CA PHE A 143 -3.33 -24.33 29.03
C PHE A 143 -1.90 -24.36 29.55
N ASN A 144 -1.45 -25.53 30.03
CA ASN A 144 -0.09 -25.69 30.52
C ASN A 144 0.92 -25.32 29.44
N TYR A 145 0.73 -25.84 28.22
CA TYR A 145 1.63 -25.53 27.11
C TYR A 145 1.63 -24.03 26.80
N ILE A 146 0.46 -23.40 26.85
CA ILE A 146 0.38 -21.97 26.53
C ILE A 146 1.06 -21.14 27.60
N CYS A 147 0.79 -21.41 28.88
CA CYS A 147 1.51 -20.70 29.93
C CYS A 147 3.01 -20.82 29.76
N ASN A 148 3.50 -22.03 29.45
CA ASN A 148 4.94 -22.21 29.27
C ASN A 148 5.43 -21.41 28.07
N HIS A 149 4.67 -21.44 26.98
CA HIS A 149 4.94 -20.57 25.84
C HIS A 149 5.01 -19.12 26.26
N VAL A 150 3.95 -18.62 26.88
CA VAL A 150 3.90 -17.20 27.27
C VAL A 150 5.09 -16.84 28.14
N LYS A 151 5.38 -17.68 29.14
CA LYS A 151 6.48 -17.36 30.04
C LYS A 151 7.82 -17.41 29.31
N TYR A 152 8.03 -18.44 28.49
CA TYR A 152 9.26 -18.52 27.70
C TYR A 152 9.42 -17.31 26.80
N ALA A 153 8.37 -17.00 26.02
CA ALA A 153 8.42 -15.91 25.04
C ALA A 153 8.56 -14.55 25.72
N THR A 154 7.95 -14.40 26.90
CA THR A 154 8.03 -13.12 27.61
C THR A 154 9.43 -12.88 28.15
N ASN A 155 9.98 -13.86 28.88
CA ASN A 155 11.40 -13.79 29.29
C ASN A 155 11.70 -12.51 30.08
N LYS A 156 10.73 -12.04 30.86
CA LYS A 156 10.88 -10.85 31.68
C LYS A 156 11.16 -9.60 30.84
N GLY A 157 10.61 -9.55 29.62
CA GLY A 157 10.72 -8.38 28.76
C GLY A 157 11.72 -8.51 27.65
N ASN A 158 12.61 -9.49 27.72
CA ASN A 158 13.54 -9.78 26.62
C ASN A 158 12.93 -10.82 25.69
N LEU A 159 11.95 -10.36 24.89
CA LEU A 159 11.07 -11.29 24.21
C LEU A 159 11.81 -12.19 23.23
N ARG A 160 11.28 -13.38 23.06
CA ARG A 160 11.85 -14.38 22.20
C ARG A 160 10.74 -14.95 21.36
N SER A 161 11.02 -15.16 20.08
CA SER A 161 10.04 -15.75 19.19
C SER A 161 9.76 -17.18 19.58
N ALA A 162 8.49 -17.59 19.48
CA ALA A 162 8.14 -18.95 19.84
C ALA A 162 6.87 -19.35 19.12
N ILE A 163 6.77 -20.63 18.84
CA ILE A 163 5.52 -21.22 18.39
C ILE A 163 5.32 -22.51 19.17
N THR A 164 4.07 -22.78 19.56
CA THR A 164 3.69 -24.03 20.18
C THR A 164 2.69 -24.71 19.27
N ILE A 165 2.94 -25.99 18.97
CA ILE A 165 2.24 -26.70 17.90
C ILE A 165 1.46 -27.86 18.50
N PHE A 166 0.14 -27.75 18.43
CA PHE A 166 -0.79 -28.71 18.99
C PHE A 166 -1.14 -29.75 17.94
N PRO A 167 -1.77 -30.86 18.36
CA PRO A 167 -1.94 -31.99 17.44
C PRO A 167 -2.57 -31.59 16.13
N GLN A 168 -2.10 -32.19 15.05
CA GLN A 168 -2.59 -31.83 13.73
C GLN A 168 -4.04 -32.26 13.58
N ARG A 169 -4.72 -31.67 12.60
CA ARG A 169 -6.07 -32.08 12.28
C ARG A 169 -6.07 -33.55 11.86
N THR A 170 -7.17 -34.23 12.17
CA THR A 170 -7.34 -35.61 11.73
C THR A 170 -8.54 -35.71 10.78
N ASP A 171 -9.77 -35.54 11.29
CA ASP A 171 -10.97 -35.64 10.50
C ASP A 171 -11.84 -34.37 10.61
N GLY A 172 -11.28 -33.27 11.10
CA GLY A 172 -12.03 -32.04 11.28
C GLY A 172 -13.08 -32.07 12.36
N LYS A 173 -13.32 -33.23 12.97
CA LYS A 173 -14.15 -33.34 14.15
C LYS A 173 -13.36 -33.31 15.44
N HIS A 174 -12.03 -33.47 15.36
CA HIS A 174 -11.14 -33.56 16.52
C HIS A 174 -10.19 -32.38 16.60
N ASP A 175 -10.56 -31.25 15.99
CA ASP A 175 -9.65 -30.11 15.89
C ASP A 175 -9.25 -29.58 17.26
N PHE A 176 -7.97 -29.25 17.39
CA PHE A 176 -7.50 -28.38 18.45
C PHE A 176 -7.62 -26.94 17.97
N ARG A 177 -8.25 -26.09 18.77
CA ARG A 177 -8.33 -24.66 18.46
C ARG A 177 -8.18 -23.85 19.74
N VAL A 178 -7.32 -22.85 19.68
CA VAL A 178 -7.37 -21.72 20.59
C VAL A 178 -8.37 -20.72 20.03
N TRP A 179 -9.46 -20.49 20.78
CA TRP A 179 -10.50 -19.60 20.28
C TRP A 179 -10.10 -18.13 20.36
N ASN A 180 -9.14 -17.79 21.21
CA ASN A 180 -8.67 -16.42 21.27
C ASN A 180 -7.94 -16.08 19.97
N SER A 181 -8.11 -14.84 19.49
CA SER A 181 -7.36 -14.40 18.32
C SER A 181 -5.89 -14.18 18.66
N GLN A 182 -5.61 -13.64 19.85
CA GLN A 182 -4.26 -13.63 20.40
C GLN A 182 -4.33 -14.13 21.82
N LEU A 183 -3.24 -14.77 22.28
CA LEU A 183 -3.22 -15.30 23.65
C LEU A 183 -3.58 -14.21 24.65
N ILE A 184 -3.07 -13.00 24.44
CA ILE A 184 -3.29 -11.88 25.35
C ILE A 184 -4.00 -10.78 24.58
N ARG A 185 -5.24 -10.48 24.98
CA ARG A 185 -6.01 -9.40 24.41
C ARG A 185 -6.98 -8.84 25.45
N TYR A 186 -7.26 -7.55 25.34
CA TYR A 186 -8.12 -6.86 26.30
C TYR A 186 -9.59 -7.02 25.93
N ALA A 187 -10.43 -7.10 26.94
CA ALA A 187 -11.86 -7.33 26.77
C ALA A 187 -12.54 -6.11 26.17
N GLY A 188 -13.70 -6.35 25.56
CA GLY A 188 -14.49 -5.29 24.95
C GLY A 188 -15.96 -5.41 25.28
N TYR A 189 -16.53 -4.35 25.83
CA TYR A 189 -17.89 -4.37 26.35
C TYR A 189 -18.70 -3.26 25.70
N LYS A 190 -19.88 -3.60 25.22
CA LYS A 190 -20.80 -2.61 24.67
C LYS A 190 -21.63 -2.01 25.80
N GLN A 191 -21.55 -0.69 25.95
CA GLN A 191 -22.23 0.02 27.02
C GLN A 191 -23.69 0.23 26.69
N PRO A 192 -24.56 0.25 27.72
CA PRO A 192 -25.98 0.57 27.45
C PRO A 192 -26.15 1.94 26.81
N ASP A 193 -25.25 2.89 27.09
CA ASP A 193 -25.39 4.23 26.55
C ASP A 193 -25.23 4.25 25.03
N GLY A 194 -24.47 3.32 24.46
CA GLY A 194 -24.26 3.32 23.03
C GLY A 194 -22.87 2.88 22.60
N SER A 195 -21.84 3.44 23.21
CA SER A 195 -20.47 3.21 22.75
C SER A 195 -19.90 1.94 23.38
N THR A 196 -18.57 1.83 23.41
CA THR A 196 -17.88 0.59 23.73
C THR A 196 -16.76 0.87 24.74
N LEU A 197 -16.68 0.03 25.77
CA LEU A 197 -15.66 0.11 26.81
C LEU A 197 -14.65 -1.01 26.65
N GLY A 198 -13.37 -0.66 26.64
CA GLY A 198 -12.32 -1.63 26.39
C GLY A 198 -12.00 -1.70 24.92
N ASP A 199 -11.68 -2.91 24.44
CA ASP A 199 -11.26 -3.09 23.07
C ASP A 199 -12.44 -3.46 22.19
N PRO A 200 -12.87 -2.59 21.25
CA PRO A 200 -14.02 -2.94 20.41
C PRO A 200 -13.78 -4.13 19.47
N ALA A 201 -12.54 -4.40 19.09
CA ALA A 201 -12.25 -5.55 18.23
C ALA A 201 -12.66 -6.88 18.86
N ASN A 202 -12.74 -6.93 20.18
CA ASN A 202 -12.93 -8.18 20.89
C ASN A 202 -14.30 -8.26 21.55
N VAL A 203 -15.23 -7.42 21.10
CA VAL A 203 -16.53 -7.39 21.76
C VAL A 203 -17.23 -8.73 21.60
N GLN A 204 -17.26 -9.26 20.37
CA GLN A 204 -17.94 -10.53 20.14
C GLN A 204 -17.27 -11.65 20.93
N PHE A 205 -15.94 -11.65 21.00
CA PHE A 205 -15.27 -12.69 21.76
C PHE A 205 -15.48 -12.50 23.26
N THR A 206 -15.40 -11.26 23.74
CA THR A 206 -15.74 -11.00 25.14
C THR A 206 -17.14 -11.49 25.46
N GLU A 207 -18.07 -11.39 24.51
CA GLU A 207 -19.41 -11.92 24.73
C GLU A 207 -19.38 -13.44 24.85
N ILE A 208 -18.64 -14.10 23.97
CA ILE A 208 -18.57 -15.57 24.01
C ILE A 208 -17.96 -16.03 25.33
N CYS A 209 -16.98 -15.28 25.85
CA CYS A 209 -16.39 -15.64 27.14
C CYS A 209 -17.41 -15.52 28.25
N ILE A 210 -18.11 -14.39 28.29
CA ILE A 210 -19.19 -14.22 29.27
C ILE A 210 -20.27 -15.26 29.01
N GLN A 211 -20.65 -15.45 27.74
CA GLN A 211 -21.65 -16.44 27.37
C GLN A 211 -21.21 -17.86 27.65
N GLN A 212 -19.94 -18.07 28.01
CA GLN A 212 -19.40 -19.37 28.38
C GLN A 212 -19.06 -19.48 29.85
N GLY A 213 -19.18 -18.40 30.61
CA GLY A 213 -19.04 -18.47 32.05
C GLY A 213 -18.10 -17.45 32.66
N TRP A 214 -17.34 -16.76 31.82
CA TRP A 214 -16.34 -15.81 32.31
C TRP A 214 -17.01 -14.71 33.11
N LYS A 215 -16.34 -14.28 34.17
CA LYS A 215 -16.82 -13.19 35.02
C LYS A 215 -15.97 -11.95 34.71
N ALA A 216 -16.51 -11.08 33.89
CA ALA A 216 -15.74 -9.94 33.40
C ALA A 216 -15.65 -8.85 34.47
N PRO A 217 -14.45 -8.32 34.74
CA PRO A 217 -14.37 -7.10 35.58
C PRO A 217 -15.05 -5.90 34.96
N ARG A 218 -15.43 -5.96 33.70
CA ARG A 218 -15.95 -4.83 32.93
C ARG A 218 -15.11 -3.58 33.17
N GLY A 219 -13.82 -3.73 32.89
CA GLY A 219 -12.89 -2.62 32.85
C GLY A 219 -12.45 -2.28 31.44
N ARG A 220 -11.41 -1.46 31.37
CA ARG A 220 -10.92 -1.00 30.07
C ARG A 220 -9.77 -1.84 29.55
N PHE A 221 -9.01 -2.50 30.41
CA PHE A 221 -7.90 -3.35 30.00
C PHE A 221 -7.95 -4.67 30.80
N ASP A 222 -9.07 -5.38 30.66
CA ASP A 222 -9.23 -6.68 31.29
C ASP A 222 -8.62 -7.73 30.36
N VAL A 223 -7.58 -8.42 30.82
CA VAL A 223 -7.04 -9.52 30.04
C VAL A 223 -8.13 -10.56 29.86
N LEU A 224 -8.40 -10.91 28.61
CA LEU A 224 -9.40 -11.93 28.33
C LEU A 224 -8.89 -13.29 28.77
N PRO A 225 -9.79 -14.20 29.14
CA PRO A 225 -9.39 -15.57 29.44
C PRO A 225 -9.08 -16.35 28.17
N LEU A 226 -8.34 -17.44 28.34
CA LEU A 226 -8.13 -18.38 27.26
C LEU A 226 -9.36 -19.27 27.12
N LEU A 227 -9.78 -19.49 25.87
CA LEU A 227 -10.89 -20.38 25.55
C LEU A 227 -10.28 -21.50 24.70
N LEU A 228 -10.03 -22.64 25.34
CA LEU A 228 -9.21 -23.68 24.72
C LEU A 228 -10.06 -24.88 24.36
N GLN A 229 -9.84 -25.41 23.15
CA GLN A 229 -10.57 -26.54 22.61
C GLN A 229 -9.58 -27.63 22.21
N ALA A 230 -9.72 -28.81 22.83
CA ALA A 230 -8.86 -29.95 22.56
C ALA A 230 -9.68 -31.09 21.99
N ASN A 231 -9.13 -31.74 20.96
CA ASN A 231 -9.74 -32.90 20.31
C ASN A 231 -11.20 -32.65 19.92
N GLY A 232 -11.56 -31.39 19.70
CA GLY A 232 -12.88 -31.10 19.20
C GLY A 232 -13.95 -30.99 20.26
N ASN A 233 -13.59 -30.98 21.53
CA ASN A 233 -14.60 -30.87 22.57
C ASN A 233 -14.98 -29.40 22.80
N ASP A 234 -16.00 -29.19 23.62
CA ASP A 234 -16.40 -27.83 23.96
C ASP A 234 -15.20 -27.09 24.55
N PRO A 235 -14.96 -25.85 24.14
CA PRO A 235 -13.79 -25.13 24.67
C PRO A 235 -13.94 -24.85 26.16
N GLU A 236 -12.80 -24.57 26.80
CA GLU A 236 -12.75 -24.37 28.24
C GLU A 236 -12.04 -23.06 28.57
N LEU A 237 -12.55 -22.36 29.59
CA LEU A 237 -11.99 -21.07 29.99
C LEU A 237 -10.84 -21.27 30.98
N PHE A 238 -9.80 -20.45 30.82
CA PHE A 238 -8.65 -20.46 31.72
C PHE A 238 -8.10 -19.05 31.85
N GLN A 239 -7.92 -18.58 33.07
CA GLN A 239 -7.26 -17.30 33.29
C GLN A 239 -5.74 -17.48 33.25
N ILE A 240 -5.10 -16.84 32.28
CA ILE A 240 -3.63 -16.77 32.28
C ILE A 240 -3.17 -16.12 33.57
N PRO A 241 -2.23 -16.71 34.31
CA PRO A 241 -1.77 -16.10 35.56
C PRO A 241 -1.25 -14.70 35.31
N PRO A 242 -1.69 -13.71 36.10
CA PRO A 242 -1.32 -12.33 35.81
C PRO A 242 0.18 -12.10 35.83
N GLU A 243 0.90 -12.85 36.66
CA GLU A 243 2.35 -12.71 36.74
C GLU A 243 3.03 -13.15 35.45
N LEU A 244 2.30 -13.80 34.53
CA LEU A 244 2.85 -14.15 33.23
C LEU A 244 2.52 -13.13 32.14
N VAL A 245 1.63 -12.18 32.41
CA VAL A 245 1.18 -11.21 31.40
C VAL A 245 1.92 -9.91 31.67
N LEU A 246 3.01 -9.69 30.95
CA LEU A 246 3.78 -8.47 31.09
C LEU A 246 3.05 -7.32 30.41
N GLU A 247 2.78 -6.27 31.18
CA GLU A 247 2.06 -5.11 30.69
C GLU A 247 2.92 -3.87 30.87
N VAL A 248 2.72 -2.89 29.98
CA VAL A 248 3.53 -1.67 29.94
C VAL A 248 2.62 -0.46 30.10
N PRO A 249 2.69 0.26 31.23
CA PRO A 249 1.97 1.53 31.32
C PRO A 249 2.52 2.53 30.32
N ILE A 250 1.62 3.25 29.68
CA ILE A 250 2.00 4.10 28.55
C ILE A 250 2.13 5.54 29.04
N ARG A 251 3.35 6.05 29.01
CA ARG A 251 3.63 7.44 29.35
C ARG A 251 4.45 8.08 28.23
N HIS A 252 4.43 9.39 28.19
CA HIS A 252 5.13 10.16 27.17
C HIS A 252 6.38 10.80 27.75
N PRO A 253 7.51 10.77 27.05
CA PRO A 253 8.74 11.39 27.57
C PRO A 253 8.70 12.92 27.59
N LYS A 254 7.54 13.52 27.40
CA LYS A 254 7.42 14.98 27.43
C LYS A 254 6.14 15.43 28.13
N PHE A 255 5.00 14.87 27.73
CA PHE A 255 3.70 15.25 28.26
C PHE A 255 3.42 14.40 29.49
N ASP A 256 3.45 15.03 30.66
CA ASP A 256 3.12 14.34 31.91
C ASP A 256 1.65 14.01 32.01
N TRP A 257 0.78 14.76 31.36
CA TRP A 257 -0.64 14.42 31.39
C TRP A 257 -0.94 13.12 30.65
N PHE A 258 0.04 12.56 29.93
CA PHE A 258 -0.19 11.34 29.15
C PHE A 258 -0.54 10.16 30.06
N LYS A 259 0.12 10.04 31.21
CA LYS A 259 -0.20 8.95 32.13
C LYS A 259 -1.66 8.97 32.54
N ASP A 260 -2.28 10.16 32.59
CA ASP A 260 -3.67 10.30 33.02
C ASP A 260 -4.66 9.77 31.99
N LEU A 261 -4.21 9.47 30.78
CA LEU A 261 -5.09 8.78 29.83
C LEU A 261 -5.39 7.36 30.28
N GLY A 262 -4.66 6.86 31.26
CA GLY A 262 -4.88 5.52 31.78
C GLY A 262 -4.61 4.43 30.78
N LEU A 263 -3.62 4.61 29.92
CA LEU A 263 -3.32 3.64 28.87
C LEU A 263 -2.20 2.70 29.30
N LYS A 264 -2.33 1.45 28.90
CA LYS A 264 -1.25 0.46 29.00
C LYS A 264 -1.46 -0.52 27.85
N TRP A 265 -0.42 -1.29 27.55
CA TRP A 265 -0.58 -2.37 26.59
C TRP A 265 0.28 -3.54 27.04
N TYR A 266 -0.07 -4.72 26.54
CA TYR A 266 0.68 -5.91 26.91
C TYR A 266 1.91 -6.08 26.03
N GLY A 267 2.94 -6.74 26.59
CA GLY A 267 4.19 -6.86 25.86
C GLY A 267 4.21 -7.92 24.78
N LEU A 268 3.33 -8.92 24.86
CA LEU A 268 3.52 -10.14 24.06
C LEU A 268 2.46 -10.27 22.99
N PRO A 269 2.78 -10.00 21.72
CA PRO A 269 1.81 -10.27 20.66
C PRO A 269 1.94 -11.74 20.25
N ALA A 270 0.85 -12.48 20.39
CA ALA A 270 0.91 -13.94 20.30
C ALA A 270 -0.35 -14.39 19.56
N VAL A 271 -0.20 -14.64 18.26
CA VAL A 271 -1.36 -14.89 17.41
C VAL A 271 -1.76 -16.34 17.57
N SER A 272 -3.04 -16.60 17.76
CA SER A 272 -3.48 -17.93 18.09
C SER A 272 -4.58 -18.47 17.19
N ASN A 273 -5.08 -17.69 16.23
CA ASN A 273 -6.20 -18.15 15.43
C ASN A 273 -5.79 -18.63 14.04
N MET A 274 -4.50 -18.78 13.75
CA MET A 274 -4.12 -19.19 12.40
C MET A 274 -3.88 -20.69 12.30
N LEU A 275 -3.87 -21.17 11.06
CA LEU A 275 -3.64 -22.56 10.73
C LEU A 275 -2.28 -22.69 10.08
N LEU A 276 -1.47 -23.58 10.62
CA LEU A 276 -0.11 -23.84 10.14
C LEU A 276 -0.16 -25.10 9.29
N GLU A 277 0.30 -24.99 8.04
CA GLU A 277 0.25 -26.09 7.09
C GLU A 277 1.68 -26.48 6.73
N ILE A 278 2.04 -27.72 7.00
CA ILE A 278 3.35 -28.26 6.67
C ILE A 278 3.17 -29.58 5.95
N GLY A 279 3.73 -29.69 4.75
CA GLY A 279 3.62 -30.93 4.00
C GLY A 279 2.20 -31.46 3.91
N GLY A 280 1.23 -30.56 3.73
CA GLY A 280 -0.17 -30.91 3.68
C GLY A 280 -0.83 -31.23 5.01
N LEU A 281 -0.07 -31.28 6.10
CA LEU A 281 -0.65 -31.50 7.42
C LEU A 281 -1.14 -30.17 8.00
N GLU A 282 -2.27 -30.20 8.70
CA GLU A 282 -2.94 -28.98 9.12
C GLU A 282 -2.91 -28.87 10.64
N PHE A 283 -2.20 -27.85 11.14
CA PHE A 283 -2.06 -27.59 12.57
C PHE A 283 -2.97 -26.41 12.91
N SER A 284 -4.23 -26.72 13.24
CA SER A 284 -5.25 -25.73 13.49
C SER A 284 -5.02 -24.95 14.79
N ALA A 285 -4.13 -25.43 15.65
CA ALA A 285 -3.80 -24.72 16.88
C ALA A 285 -2.29 -24.62 16.92
N CYS A 286 -1.80 -23.41 16.80
CA CYS A 286 -0.38 -23.22 16.69
C CYS A 286 -0.04 -21.81 17.12
N PRO A 287 -0.41 -21.38 18.34
CA PRO A 287 -0.18 -19.99 18.71
C PRO A 287 1.30 -19.64 18.59
N PHE A 288 1.57 -18.48 18.00
CA PHE A 288 2.95 -18.03 17.87
C PHE A 288 3.06 -16.57 18.29
N SER A 289 4.28 -16.16 18.59
CA SER A 289 4.50 -14.88 19.21
C SER A 289 5.89 -14.39 18.83
N GLY A 290 6.03 -13.08 18.78
CA GLY A 290 7.31 -12.46 18.59
C GLY A 290 7.37 -11.26 19.49
N TRP A 291 7.55 -10.08 18.91
CA TRP A 291 7.49 -8.84 19.66
C TRP A 291 6.90 -7.76 18.76
N TYR A 292 6.40 -6.71 19.39
CA TYR A 292 5.59 -5.73 18.72
C TYR A 292 6.44 -4.77 17.89
N MET A 293 5.95 -4.42 16.71
CA MET A 293 6.36 -3.17 16.11
C MET A 293 5.49 -2.07 16.72
N GLY A 294 6.10 -0.92 17.01
CA GLY A 294 5.43 0.10 17.81
C GLY A 294 4.10 0.55 17.23
N THR A 295 4.05 0.72 15.90
CA THR A 295 2.83 1.21 15.25
C THR A 295 1.64 0.25 15.46
N GLU A 296 1.91 -1.05 15.60
CA GLU A 296 0.83 -2.01 15.85
C GLU A 296 -0.04 -1.60 17.02
N ILE A 297 0.56 -1.05 18.07
CA ILE A 297 -0.18 -0.55 19.22
C ILE A 297 -0.61 0.90 19.02
N GLY A 298 0.33 1.77 18.66
CA GLY A 298 0.06 3.21 18.69
C GLY A 298 -0.81 3.65 17.52
N VAL A 299 -0.55 3.12 16.33
CA VAL A 299 -1.37 3.50 15.19
C VAL A 299 -2.68 2.74 15.18
N ARG A 300 -2.61 1.41 15.19
CA ARG A 300 -3.77 0.56 14.96
C ARG A 300 -4.60 0.34 16.22
N ASP A 301 -3.98 -0.16 17.29
CA ASP A 301 -4.74 -0.49 18.51
C ASP A 301 -5.34 0.74 19.16
N TYR A 302 -4.59 1.84 19.22
CA TYR A 302 -5.03 3.03 19.95
C TYR A 302 -5.85 3.99 19.11
N CYS A 303 -5.56 4.10 17.80
CA CYS A 303 -6.06 5.19 16.98
C CYS A 303 -6.99 4.78 15.85
N ASP A 304 -7.11 3.49 15.53
CA ASP A 304 -8.16 3.08 14.61
C ASP A 304 -9.52 3.53 15.15
N ASN A 305 -10.37 4.03 14.25
CA ASN A 305 -11.70 4.44 14.65
C ASN A 305 -12.49 3.25 15.19
N SER A 306 -12.29 2.06 14.64
CA SER A 306 -12.95 0.84 15.07
C SER A 306 -12.28 0.21 16.30
N ARG A 307 -11.37 0.92 16.95
CA ARG A 307 -10.64 0.38 18.11
C ARG A 307 -10.67 1.36 19.28
N TYR A 308 -9.52 1.58 19.94
CA TYR A 308 -9.49 2.43 21.14
C TYR A 308 -9.72 3.90 20.82
N ASN A 309 -9.43 4.32 19.58
CA ASN A 309 -9.88 5.60 19.02
C ASN A 309 -9.71 6.78 19.98
N ILE A 310 -8.47 6.99 20.42
CA ILE A 310 -8.19 7.97 21.46
C ILE A 310 -7.66 9.27 20.91
N LEU A 311 -7.51 9.37 19.59
CA LEU A 311 -6.90 10.53 18.95
C LEU A 311 -7.57 11.84 19.39
N GLU A 312 -8.91 11.86 19.41
CA GLU A 312 -9.60 13.08 19.79
C GLU A 312 -9.17 13.53 21.18
N GLU A 313 -9.31 12.63 22.16
CA GLU A 313 -8.95 12.96 23.54
C GLU A 313 -7.49 13.35 23.68
N VAL A 314 -6.60 12.70 22.92
CA VAL A 314 -5.19 13.05 22.96
C VAL A 314 -4.97 14.45 22.40
N ALA A 315 -5.51 14.72 21.22
CA ALA A 315 -5.31 16.03 20.60
C ALA A 315 -5.95 17.13 21.42
N LYS A 316 -7.04 16.80 22.13
CA LYS A 316 -7.62 17.74 23.09
C LYS A 316 -6.60 18.12 24.16
N LYS A 317 -6.00 17.13 24.81
CA LYS A 317 -5.01 17.40 25.85
C LYS A 317 -3.76 18.09 25.29
N MET A 318 -3.54 18.03 23.98
CA MET A 318 -2.45 18.76 23.34
C MET A 318 -2.86 20.15 22.90
N ASP A 319 -4.13 20.53 23.11
CA ASP A 319 -4.69 21.80 22.67
C ASP A 319 -4.32 22.08 21.22
N LEU A 320 -4.67 21.15 20.35
CA LEU A 320 -4.49 21.30 18.91
C LEU A 320 -5.77 21.81 18.28
N ASP A 321 -5.63 22.51 17.15
CA ASP A 321 -6.80 23.00 16.42
C ASP A 321 -7.49 21.84 15.72
N MET A 322 -8.51 21.26 16.35
CA MET A 322 -9.27 20.17 15.79
C MET A 322 -10.45 20.64 14.95
N ARG A 323 -10.44 21.90 14.51
CA ARG A 323 -11.58 22.43 13.78
C ARG A 323 -11.53 22.14 12.28
N LYS A 324 -10.33 22.01 11.70
CA LYS A 324 -10.18 21.62 10.30
C LYS A 324 -9.21 20.47 10.22
N THR A 325 -9.44 19.56 9.28
CA THR A 325 -8.53 18.43 9.14
C THR A 325 -7.15 18.86 8.66
N SER A 326 -7.07 20.02 8.00
CA SER A 326 -5.83 20.47 7.41
C SER A 326 -4.82 20.98 8.43
N SER A 327 -5.21 21.15 9.69
CA SER A 327 -4.18 21.38 10.71
C SER A 327 -3.31 20.14 10.91
N LEU A 328 -3.74 18.99 10.39
CA LEU A 328 -3.03 17.73 10.61
C LEU A 328 -2.92 17.41 12.10
N TRP A 329 -3.95 17.78 12.87
CA TRP A 329 -3.94 17.50 14.30
C TRP A 329 -3.95 15.99 14.57
N LYS A 330 -4.63 15.20 13.74
CA LYS A 330 -4.58 13.74 13.93
C LYS A 330 -3.16 13.24 13.71
N ASP A 331 -2.49 13.73 12.68
CA ASP A 331 -1.14 13.28 12.39
C ASP A 331 -0.21 13.63 13.54
N GLN A 332 -0.33 14.85 14.06
CA GLN A 332 0.52 15.28 15.16
C GLN A 332 0.28 14.41 16.38
N ALA A 333 -0.99 14.24 16.76
CA ALA A 333 -1.31 13.38 17.90
C ALA A 333 -0.84 11.95 17.64
N LEU A 334 -1.08 11.43 16.43
CA LEU A 334 -0.72 10.04 16.14
C LEU A 334 0.75 9.81 16.39
N VAL A 335 1.59 10.77 15.97
CA VAL A 335 3.03 10.68 16.20
C VAL A 335 3.35 10.64 17.70
N GLU A 336 2.77 11.56 18.48
CA GLU A 336 3.06 11.58 19.91
C GLU A 336 2.69 10.27 20.58
N ILE A 337 1.50 9.74 20.27
CA ILE A 337 1.08 8.45 20.82
C ILE A 337 2.13 7.38 20.52
N ASN A 338 2.60 7.33 19.28
CA ASN A 338 3.56 6.30 18.91
C ASN A 338 4.93 6.58 19.50
N ILE A 339 5.27 7.84 19.75
CA ILE A 339 6.50 8.13 20.48
C ILE A 339 6.40 7.60 21.89
N ALA A 340 5.22 7.75 22.51
CA ALA A 340 5.01 7.31 23.89
C ALA A 340 5.10 5.80 24.00
N VAL A 341 4.50 5.08 23.05
CA VAL A 341 4.51 3.61 23.10
C VAL A 341 5.94 3.09 23.12
N LEU A 342 6.77 3.57 22.18
CA LEU A 342 8.16 3.17 22.14
C LEU A 342 8.90 3.58 23.41
N TYR A 343 8.64 4.80 23.90
CA TYR A 343 9.32 5.26 25.10
C TYR A 343 8.95 4.38 26.30
N SER A 344 7.67 4.02 26.40
CA SER A 344 7.21 3.21 27.51
C SER A 344 7.81 1.81 27.48
N PHE A 345 7.67 1.11 26.36
CA PHE A 345 8.26 -0.22 26.24
C PHE A 345 9.75 -0.18 26.50
N GLN A 346 10.45 0.79 25.92
CA GLN A 346 11.90 0.87 26.07
C GLN A 346 12.28 1.17 27.52
N SER A 347 11.56 2.11 28.13
CA SER A 347 11.84 2.47 29.52
C SER A 347 11.64 1.28 30.45
N ASP A 348 10.62 0.45 30.18
CA ASP A 348 10.38 -0.74 30.98
C ASP A 348 11.17 -1.94 30.49
N LYS A 349 12.13 -1.72 29.58
CA LYS A 349 12.98 -2.78 29.06
C LYS A 349 12.16 -3.95 28.51
N VAL A 350 11.12 -3.63 27.73
CA VAL A 350 10.34 -4.62 27.02
C VAL A 350 10.67 -4.49 25.54
N THR A 351 10.93 -5.63 24.89
CA THR A 351 11.37 -5.61 23.51
C THR A 351 10.30 -4.94 22.65
N ILE A 352 10.74 -4.04 21.77
CA ILE A 352 9.85 -3.43 20.78
C ILE A 352 10.76 -2.92 19.68
N VAL A 353 10.21 -2.78 18.49
CA VAL A 353 10.95 -2.22 17.36
C VAL A 353 10.10 -1.12 16.72
N ASP A 354 10.75 -0.04 16.29
CA ASP A 354 9.99 1.01 15.63
C ASP A 354 9.87 0.71 14.14
N HIS A 355 8.92 1.38 13.49
CA HIS A 355 8.68 1.06 12.09
C HIS A 355 9.87 1.41 11.21
N HIS A 356 10.71 2.38 11.62
CA HIS A 356 11.89 2.65 10.81
C HIS A 356 12.88 1.49 10.92
N SER A 357 13.12 1.02 12.14
CA SER A 357 14.08 -0.06 12.33
C SER A 357 13.59 -1.35 11.69
N ALA A 358 12.31 -1.68 11.87
CA ALA A 358 11.78 -2.94 11.36
C ALA A 358 11.73 -2.97 9.83
N THR A 359 11.43 -1.82 9.20
CA THR A 359 11.40 -1.79 7.75
C THR A 359 12.81 -1.82 7.17
N GLU A 360 13.74 -1.08 7.79
CA GLU A 360 15.13 -1.18 7.37
C GLU A 360 15.62 -2.61 7.50
N SER A 361 15.19 -3.32 8.54
CA SER A 361 15.57 -4.72 8.71
C SER A 361 14.99 -5.58 7.60
N PHE A 362 13.76 -5.27 7.19
CA PHE A 362 13.12 -6.08 6.17
C PHE A 362 13.82 -5.95 4.82
N ILE A 363 14.32 -4.76 4.49
CA ILE A 363 15.04 -4.59 3.22
C ILE A 363 16.33 -5.42 3.23
N LYS A 364 17.10 -5.30 4.30
CA LYS A 364 18.25 -6.18 4.51
C LYS A 364 17.85 -7.65 4.39
N HIS A 365 16.73 -8.03 5.00
CA HIS A 365 16.25 -9.40 4.89
C HIS A 365 15.87 -9.74 3.46
N MET A 366 15.15 -8.84 2.79
CA MET A 366 14.87 -9.03 1.37
C MET A 366 16.14 -9.26 0.58
N GLU A 367 17.14 -8.37 0.77
CA GLU A 367 18.43 -8.54 0.13
C GLU A 367 19.00 -9.93 0.39
N ASN A 368 18.91 -10.42 1.63
CA ASN A 368 19.47 -11.73 1.96
C ASN A 368 18.72 -12.85 1.25
N GLU A 369 17.38 -12.78 1.24
CA GLU A 369 16.57 -13.84 0.64
C GLU A 369 16.73 -13.87 -0.88
N TYR A 370 16.74 -12.70 -1.52
CA TYR A 370 17.05 -12.69 -2.94
C TYR A 370 18.43 -13.27 -3.19
N ARG A 371 19.34 -13.10 -2.25
CA ARG A 371 20.71 -13.56 -2.48
C ARG A 371 20.82 -15.07 -2.28
N CYS A 372 20.43 -15.57 -1.10
CA CYS A 372 20.65 -16.96 -0.72
CA CYS A 372 20.67 -16.97 -0.76
C CYS A 372 19.47 -17.87 -1.04
N ARG A 373 18.36 -17.34 -1.51
CA ARG A 373 17.18 -18.16 -1.79
C ARG A 373 16.50 -17.87 -3.12
N GLY A 374 16.81 -16.76 -3.77
CA GLY A 374 16.21 -16.45 -5.05
C GLY A 374 14.99 -15.57 -5.00
N GLY A 375 14.64 -15.04 -3.84
CA GLY A 375 13.49 -14.17 -3.74
C GLY A 375 12.93 -14.22 -2.33
N CYS A 376 11.85 -13.46 -2.16
CA CYS A 376 11.19 -13.31 -0.87
C CYS A 376 9.78 -12.79 -1.10
N PRO A 377 8.76 -13.62 -0.92
CA PRO A 377 7.38 -13.15 -1.13
C PRO A 377 7.03 -12.04 -0.14
N ALA A 378 6.35 -11.02 -0.65
CA ALA A 378 6.13 -9.84 0.18
C ALA A 378 4.91 -9.08 -0.30
N ASP A 379 4.08 -8.71 0.65
CA ASP A 379 2.80 -8.08 0.41
C ASP A 379 2.96 -6.62 0.83
N TRP A 380 3.36 -5.78 -0.12
CA TRP A 380 3.57 -4.35 0.09
C TRP A 380 2.46 -3.72 0.91
N VAL A 381 1.21 -4.07 0.62
CA VAL A 381 0.08 -3.48 1.33
C VAL A 381 0.18 -3.69 2.83
N TRP A 382 0.82 -4.78 3.27
CA TRP A 382 0.97 -5.08 4.69
C TRP A 382 2.35 -4.74 5.24
N ILE A 383 3.40 -4.82 4.42
CA ILE A 383 4.74 -4.52 4.91
C ILE A 383 4.89 -3.03 5.19
N VAL A 384 4.31 -2.17 4.36
CA VAL A 384 4.43 -0.72 4.60
C VAL A 384 3.71 -0.36 5.90
N PRO A 385 4.37 0.33 6.83
CA PRO A 385 3.73 0.60 8.12
C PRO A 385 2.55 1.53 7.96
N PRO A 386 1.59 1.48 8.89
CA PRO A 386 0.38 2.31 8.79
C PRO A 386 0.60 3.78 9.07
N MET A 387 1.84 4.24 9.28
CA MET A 387 2.13 5.65 9.39
C MET A 387 3.48 5.92 8.75
N SER A 388 3.65 7.14 8.24
CA SER A 388 4.94 7.59 7.72
C SER A 388 5.44 6.67 6.62
N GLY A 389 4.51 6.15 5.82
CA GLY A 389 4.85 5.11 4.85
C GLY A 389 6.04 5.44 3.97
N SER A 390 6.05 6.63 3.36
CA SER A 390 7.08 6.91 2.36
C SER A 390 8.42 7.29 2.96
N ILE A 391 8.52 7.54 4.25
CA ILE A 391 9.84 7.77 4.82
C ILE A 391 10.43 6.48 5.39
N THR A 392 9.82 5.36 5.10
CA THR A 392 10.40 4.07 5.37
C THR A 392 10.90 3.44 4.08
N PRO A 393 11.96 2.63 4.13
CA PRO A 393 12.54 2.11 2.87
C PRO A 393 11.63 1.16 2.13
N VAL A 394 10.67 0.51 2.79
CA VAL A 394 9.87 -0.47 2.08
C VAL A 394 8.93 0.22 1.09
N PHE A 395 8.55 1.46 1.36
CA PHE A 395 7.59 2.15 0.49
C PHE A 395 8.08 2.19 -0.95
N HIS A 396 9.37 2.49 -1.15
CA HIS A 396 9.88 2.59 -2.52
C HIS A 396 10.41 1.26 -3.03
N GLN A 397 10.10 0.17 -2.33
CA GLN A 397 10.55 -1.15 -2.70
C GLN A 397 9.43 -1.86 -3.43
N GLU A 398 9.66 -2.18 -4.70
CA GLU A 398 8.76 -3.12 -5.35
C GLU A 398 8.88 -4.49 -4.69
N MET A 399 7.73 -5.17 -4.59
CA MET A 399 7.67 -6.50 -3.99
C MET A 399 6.78 -7.40 -4.82
N LEU A 400 7.12 -8.67 -4.83
CA LEU A 400 6.32 -9.68 -5.51
C LEU A 400 5.62 -10.50 -4.45
N ASN A 401 4.32 -10.69 -4.63
CA ASN A 401 3.55 -11.44 -3.66
C ASN A 401 3.13 -12.78 -4.25
N TYR A 402 3.50 -13.85 -3.55
CA TYR A 402 3.12 -15.19 -3.98
C TYR A 402 3.14 -16.10 -2.76
N ARG A 403 2.47 -17.23 -2.90
CA ARG A 403 2.18 -18.10 -1.76
C ARG A 403 3.11 -19.30 -1.82
N LEU A 404 4.01 -19.39 -0.87
CA LEU A 404 4.88 -20.55 -0.71
C LEU A 404 4.39 -21.37 0.47
N THR A 405 4.74 -22.66 0.45
CA THR A 405 4.40 -23.49 1.57
C THR A 405 5.68 -24.12 2.12
N PRO A 406 5.75 -24.40 3.44
CA PRO A 406 4.79 -24.26 4.54
C PRO A 406 4.29 -22.82 4.75
N SER A 407 3.04 -22.72 5.21
CA SER A 407 2.42 -21.42 5.36
C SER A 407 1.56 -21.35 6.62
N PHE A 408 1.40 -20.13 7.11
CA PHE A 408 0.29 -19.79 7.98
C PHE A 408 -0.86 -19.31 7.12
N GLU A 409 -2.04 -19.83 7.41
CA GLU A 409 -3.25 -19.55 6.66
C GLU A 409 -4.31 -19.07 7.63
N TYR A 410 -5.29 -18.36 7.09
CA TYR A 410 -6.47 -18.06 7.87
C TYR A 410 -7.36 -19.29 7.96
N GLN A 411 -8.22 -19.32 8.96
CA GLN A 411 -9.14 -20.43 9.13
C GLN A 411 -10.43 -19.87 9.74
N PRO A 412 -11.57 -20.51 9.50
CA PRO A 412 -12.83 -20.00 10.06
C PRO A 412 -12.74 -19.81 11.57
N ASP A 413 -13.48 -18.83 12.07
CA ASP A 413 -13.62 -18.67 13.52
C ASP A 413 -14.34 -19.87 14.09
N PRO A 414 -13.88 -20.40 15.23
CA PRO A 414 -14.41 -21.70 15.71
C PRO A 414 -15.89 -21.66 16.05
N TRP A 415 -16.39 -20.56 16.61
CA TRP A 415 -17.78 -20.56 17.06
C TRP A 415 -18.76 -20.63 15.89
N ASN A 416 -18.31 -20.33 14.67
CA ASN A 416 -19.14 -20.52 13.50
C ASN A 416 -19.15 -21.98 13.02
N THR A 417 -18.21 -22.79 13.50
CA THR A 417 -18.04 -24.16 13.05
C THR A 417 -18.40 -25.20 14.11
N HIS A 418 -17.99 -24.96 15.36
CA HIS A 418 -17.96 -26.00 16.36
C HIS A 418 -19.34 -26.61 16.58
N VAL A 419 -19.41 -27.93 16.47
CA VAL A 419 -20.62 -28.68 16.77
C VAL A 419 -20.66 -28.90 18.29
N TRP A 420 -21.64 -28.30 18.94
CA TRP A 420 -21.64 -28.18 20.40
C TRP A 420 -22.16 -29.40 21.18
N ARG B 3 -20.37 -12.69 -13.36
CA ARG B 3 -19.59 -12.73 -12.14
C ARG B 3 -19.61 -11.42 -11.37
N PHE B 4 -19.87 -11.51 -10.06
CA PHE B 4 -19.91 -10.35 -9.18
C PHE B 4 -18.78 -10.49 -8.16
N LEU B 5 -18.23 -9.35 -7.75
CA LEU B 5 -17.10 -9.31 -6.83
C LEU B 5 -17.37 -8.30 -5.73
N LYS B 6 -17.23 -8.73 -4.48
CA LYS B 6 -17.50 -7.89 -3.33
C LYS B 6 -16.19 -7.33 -2.77
N VAL B 7 -16.23 -6.07 -2.33
CA VAL B 7 -15.15 -5.45 -1.57
C VAL B 7 -15.73 -4.97 -0.26
N LYS B 8 -14.96 -5.12 0.81
CA LYS B 8 -15.41 -4.78 2.14
C LYS B 8 -14.60 -3.61 2.67
N ASN B 9 -15.26 -2.69 3.34
CA ASN B 9 -14.58 -1.70 4.14
C ASN B 9 -14.51 -2.25 5.56
N TRP B 10 -13.30 -2.52 6.05
CA TRP B 10 -13.17 -3.23 7.32
C TRP B 10 -13.38 -2.34 8.52
N GLU B 11 -13.39 -1.01 8.32
CA GLU B 11 -13.67 -0.05 9.38
CA GLU B 11 -13.66 -0.07 9.41
C GLU B 11 -15.16 0.12 9.61
N THR B 12 -15.94 0.16 8.52
CA THR B 12 -17.38 0.38 8.52
C THR B 12 -18.20 -0.86 8.17
N ASP B 13 -17.55 -1.96 7.81
CA ASP B 13 -18.18 -3.19 7.31
C ASP B 13 -19.06 -2.98 6.07
N VAL B 14 -18.97 -1.80 5.43
CA VAL B 14 -19.71 -1.58 4.19
C VAL B 14 -19.14 -2.45 3.09
N VAL B 15 -20.02 -3.17 2.38
CA VAL B 15 -19.64 -4.08 1.32
C VAL B 15 -20.23 -3.58 0.01
N LEU B 16 -19.44 -3.60 -1.05
CA LEU B 16 -19.84 -3.12 -2.36
C LEU B 16 -19.57 -4.19 -3.40
N THR B 17 -20.43 -4.23 -4.43
CA THR B 17 -20.41 -5.27 -5.45
C THR B 17 -19.91 -4.68 -6.76
N ASP B 18 -18.85 -5.27 -7.31
CA ASP B 18 -18.24 -4.78 -8.54
C ASP B 18 -18.64 -5.68 -9.70
N THR B 19 -19.40 -5.12 -10.64
CA THR B 19 -19.60 -5.76 -11.94
C THR B 19 -18.81 -5.09 -13.05
N LEU B 20 -18.21 -3.93 -12.79
CA LEU B 20 -17.53 -3.17 -13.83
C LEU B 20 -16.27 -3.87 -14.31
N HIS B 21 -15.64 -4.67 -13.45
CA HIS B 21 -14.40 -5.36 -13.80
C HIS B 21 -14.60 -6.30 -14.98
N LEU B 22 -15.86 -6.67 -15.25
CA LEU B 22 -16.16 -7.48 -16.42
C LEU B 22 -15.87 -6.74 -17.71
N LYS B 23 -16.01 -5.42 -17.72
CA LYS B 23 -15.69 -4.64 -18.91
C LYS B 23 -14.20 -4.46 -19.11
N SER B 24 -13.36 -5.01 -18.23
CA SER B 24 -11.93 -4.79 -18.32
C SER B 24 -11.30 -5.71 -19.36
N THR B 25 -10.58 -5.13 -20.31
CA THR B 25 -9.89 -5.92 -21.34
C THR B 25 -8.40 -6.06 -21.05
N LEU B 26 -7.71 -4.94 -20.85
CA LEU B 26 -6.26 -4.94 -20.69
C LEU B 26 -5.86 -5.79 -19.47
N GLU B 27 -4.59 -6.21 -19.46
CA GLU B 27 -4.06 -7.07 -18.40
C GLU B 27 -3.48 -6.23 -17.26
N THR B 28 -3.46 -6.83 -16.07
CA THR B 28 -2.98 -6.12 -14.88
C THR B 28 -1.50 -6.30 -14.61
N GLY B 29 -0.90 -7.34 -15.14
CA GLY B 29 0.41 -7.76 -14.72
C GLY B 29 0.40 -8.92 -13.75
N CYS B 30 -0.75 -9.20 -13.13
CA CYS B 30 -0.81 -10.27 -12.16
C CYS B 30 -1.27 -11.56 -12.83
N THR B 31 -0.92 -12.68 -12.21
CA THR B 31 -1.44 -14.00 -12.57
C THR B 31 -2.04 -14.63 -11.32
N GLU B 32 -2.57 -15.84 -11.48
CA GLU B 32 -3.08 -16.59 -10.34
C GLU B 32 -1.98 -16.96 -9.36
N HIS B 33 -0.72 -16.88 -9.78
CA HIS B 33 0.41 -17.34 -8.99
C HIS B 33 1.31 -16.22 -8.50
N ILE B 34 1.16 -15.01 -9.01
CA ILE B 34 2.02 -13.91 -8.59
C ILE B 34 1.22 -12.62 -8.69
N CYS B 35 1.25 -11.83 -7.61
CA CYS B 35 0.64 -10.51 -7.60
C CYS B 35 1.72 -9.48 -7.84
N MET B 36 1.49 -8.62 -8.83
CA MET B 36 2.42 -7.53 -9.13
C MET B 36 1.83 -6.19 -8.70
N GLY B 37 0.95 -6.26 -7.70
CA GLY B 37 0.27 -5.10 -7.15
C GLY B 37 1.17 -3.96 -6.75
N SER B 38 2.45 -4.20 -6.46
CA SER B 38 3.32 -3.11 -6.02
C SER B 38 4.44 -2.83 -7.00
N ILE B 39 4.34 -3.31 -8.24
CA ILE B 39 5.31 -2.99 -9.28
C ILE B 39 4.89 -1.67 -9.95
N MET B 40 5.85 -0.74 -10.09
CA MET B 40 5.55 0.58 -10.66
C MET B 40 5.01 0.48 -12.09
N LEU B 41 5.67 -0.30 -12.94
CA LEU B 41 5.18 -0.60 -14.29
C LEU B 41 5.39 -2.07 -14.58
N PRO B 42 4.34 -2.91 -14.44
CA PRO B 42 4.42 -4.35 -14.74
C PRO B 42 4.65 -4.65 -16.23
N VAL B 52 1.87 3.86 -34.58
CA VAL B 52 2.46 2.53 -34.73
C VAL B 52 1.47 1.48 -34.18
N ARG B 53 0.21 1.61 -34.58
CA ARG B 53 -0.84 0.63 -34.29
C ARG B 53 -1.72 0.52 -35.53
N THR B 54 -1.78 -0.67 -36.11
CA THR B 54 -2.31 -0.81 -37.47
C THR B 54 -3.83 -0.94 -37.47
N LYS B 55 -4.41 -0.78 -38.67
CA LYS B 55 -5.86 -0.88 -38.85
C LYS B 55 -6.40 -2.24 -38.40
N ASP B 56 -5.54 -3.24 -38.24
CA ASP B 56 -5.95 -4.57 -37.81
C ASP B 56 -6.73 -4.50 -36.49
N GLN B 57 -6.07 -4.02 -35.43
CA GLN B 57 -6.69 -3.96 -34.11
C GLN B 57 -7.37 -2.62 -33.83
N LEU B 58 -7.37 -1.67 -34.77
CA LEU B 58 -7.88 -0.34 -34.47
C LEU B 58 -9.40 -0.28 -34.48
N PHE B 59 -10.08 -0.92 -35.43
CA PHE B 59 -11.52 -0.72 -35.45
C PHE B 59 -12.25 -1.38 -34.28
N PRO B 60 -11.86 -2.57 -33.80
CA PRO B 60 -12.46 -3.06 -32.54
C PRO B 60 -12.29 -2.09 -31.39
N LEU B 61 -11.10 -1.51 -31.24
CA LEU B 61 -10.90 -0.50 -30.22
C LEU B 61 -11.82 0.69 -30.44
N ALA B 62 -11.94 1.11 -31.71
CA ALA B 62 -12.82 2.23 -32.04
C ALA B 62 -14.27 1.88 -31.74
N LYS B 63 -14.72 0.72 -32.23
CA LYS B 63 -16.11 0.32 -32.03
C LYS B 63 -16.47 0.30 -30.55
N GLU B 64 -15.57 -0.23 -29.71
CA GLU B 64 -15.89 -0.36 -28.30
C GLU B 64 -16.00 1.01 -27.64
N PHE B 65 -15.05 1.89 -27.93
CA PHE B 65 -15.15 3.26 -27.44
C PHE B 65 -16.44 3.92 -27.91
N LEU B 66 -16.79 3.78 -29.20
CA LEU B 66 -18.01 4.41 -29.66
C LEU B 66 -19.23 3.76 -29.04
N ASP B 67 -19.20 2.45 -28.82
CA ASP B 67 -20.27 1.81 -28.05
C ASP B 67 -20.36 2.43 -26.66
N GLN B 68 -19.22 2.62 -26.00
CA GLN B 68 -19.21 3.29 -24.70
C GLN B 68 -19.81 4.68 -24.82
N TYR B 69 -19.32 5.45 -25.78
CA TYR B 69 -19.69 6.86 -25.87
C TYR B 69 -21.19 7.01 -26.09
N TYR B 70 -21.75 6.21 -27.01
CA TYR B 70 -23.16 6.37 -27.30
C TYR B 70 -24.05 5.82 -26.18
N SER B 71 -23.59 4.78 -25.47
CA SER B 71 -24.31 4.35 -24.27
C SER B 71 -24.40 5.48 -23.26
N SER B 72 -23.29 6.19 -23.04
CA SER B 72 -23.27 7.23 -22.03
C SER B 72 -24.22 8.37 -22.38
N ILE B 73 -24.48 8.60 -23.66
CA ILE B 73 -25.43 9.62 -24.08
C ILE B 73 -26.80 9.02 -24.35
N LYS B 74 -27.04 7.76 -23.95
CA LYS B 74 -28.34 7.12 -24.09
C LYS B 74 -28.80 7.13 -25.55
N ARG B 75 -27.86 6.86 -26.44
CA ARG B 75 -28.12 6.78 -27.87
C ARG B 75 -27.58 5.48 -28.46
N PHE B 76 -27.36 4.47 -27.62
CA PHE B 76 -26.80 3.21 -28.10
C PHE B 76 -27.73 2.59 -29.12
N GLY B 77 -27.17 2.20 -30.26
CA GLY B 77 -27.97 1.64 -31.32
C GLY B 77 -28.71 2.65 -32.17
N SER B 78 -28.58 3.94 -31.89
CA SER B 78 -29.28 4.91 -32.70
C SER B 78 -28.70 4.97 -34.11
N LYS B 79 -29.38 5.70 -34.99
CA LYS B 79 -28.82 5.91 -36.31
C LYS B 79 -27.56 6.75 -36.23
N ALA B 80 -27.52 7.74 -35.34
CA ALA B 80 -26.29 8.50 -35.17
C ALA B 80 -25.16 7.59 -34.71
N HIS B 81 -25.48 6.57 -33.92
CA HIS B 81 -24.46 5.61 -33.46
C HIS B 81 -23.99 4.72 -34.60
N MET B 82 -24.93 4.10 -35.31
CA MET B 82 -24.55 3.27 -36.45
C MET B 82 -23.82 4.09 -37.53
N ASP B 83 -24.32 5.28 -37.86
CA ASP B 83 -23.66 6.08 -38.89
C ASP B 83 -22.25 6.47 -38.47
N ARG B 84 -22.04 6.70 -37.17
CA ARG B 84 -20.71 7.03 -36.68
C ARG B 84 -19.77 5.84 -36.77
N LEU B 85 -20.26 4.64 -36.42
CA LEU B 85 -19.45 3.43 -36.60
C LEU B 85 -19.06 3.28 -38.07
N GLU B 86 -20.03 3.44 -38.97
CA GLU B 86 -19.74 3.29 -40.38
C GLU B 86 -18.73 4.32 -40.86
N GLU B 87 -18.90 5.57 -40.45
CA GLU B 87 -17.95 6.62 -40.81
C GLU B 87 -16.55 6.31 -40.29
N VAL B 88 -16.43 5.87 -39.03
CA VAL B 88 -15.12 5.49 -38.51
C VAL B 88 -14.57 4.29 -39.26
N ASN B 89 -15.42 3.31 -39.55
CA ASN B 89 -14.98 2.11 -40.27
C ASN B 89 -14.31 2.49 -41.57
N LYS B 90 -15.01 3.24 -42.42
CA LYS B 90 -14.49 3.59 -43.73
C LYS B 90 -13.29 4.52 -43.61
N GLU B 91 -13.28 5.40 -42.60
CA GLU B 91 -12.14 6.28 -42.43
C GLU B 91 -10.91 5.50 -42.01
N ILE B 92 -11.07 4.51 -41.14
CA ILE B 92 -9.94 3.66 -40.76
C ILE B 92 -9.39 2.93 -41.99
N GLU B 93 -10.26 2.22 -42.71
CA GLU B 93 -9.78 1.44 -43.84
C GLU B 93 -9.24 2.31 -44.97
N SER B 94 -9.68 3.55 -45.07
CA SER B 94 -9.17 4.48 -46.09
C SER B 94 -7.90 5.16 -45.62
N THR B 95 -7.92 5.75 -44.44
CA THR B 95 -6.81 6.58 -43.97
C THR B 95 -5.90 5.89 -42.95
N SER B 96 -6.25 4.69 -42.49
CA SER B 96 -5.55 3.86 -41.51
C SER B 96 -5.71 4.37 -40.08
N THR B 97 -6.39 5.50 -39.87
CA THR B 97 -6.68 6.00 -38.55
C THR B 97 -8.07 6.63 -38.59
N TYR B 98 -8.40 7.41 -37.57
CA TYR B 98 -9.62 8.21 -37.63
C TYR B 98 -9.52 9.35 -36.63
N GLN B 99 -10.41 10.33 -36.82
CA GLN B 99 -10.48 11.51 -35.98
C GLN B 99 -11.68 11.42 -35.07
N LEU B 100 -11.46 11.79 -33.80
CA LEU B 100 -12.54 11.90 -32.83
C LEU B 100 -13.31 13.19 -33.02
N LYS B 101 -14.64 13.11 -32.92
CA LYS B 101 -15.41 14.32 -32.74
C LYS B 101 -15.03 14.99 -31.41
N ASP B 102 -15.39 16.27 -31.29
CA ASP B 102 -15.06 17.02 -30.08
C ASP B 102 -15.76 16.44 -28.87
N THR B 103 -17.05 16.12 -29.00
CA THR B 103 -17.79 15.41 -27.97
C THR B 103 -17.04 14.16 -27.53
N GLU B 104 -16.57 13.36 -28.49
CA GLU B 104 -15.88 12.11 -28.20
C GLU B 104 -14.57 12.37 -27.49
N LEU B 105 -13.81 13.38 -27.94
CA LEU B 105 -12.54 13.67 -27.30
C LEU B 105 -12.73 14.06 -25.85
N ILE B 106 -13.77 14.84 -25.57
CA ILE B 106 -14.02 15.32 -24.22
C ILE B 106 -14.48 14.19 -23.32
N TYR B 107 -15.41 13.37 -23.81
CA TYR B 107 -15.79 12.15 -23.12
C TYR B 107 -14.56 11.29 -22.86
N GLY B 108 -13.79 11.00 -23.91
CA GLY B 108 -12.57 10.23 -23.76
C GLY B 108 -11.65 10.76 -22.68
N ALA B 109 -11.44 12.07 -22.65
CA ALA B 109 -10.49 12.62 -21.69
C ALA B 109 -11.01 12.47 -20.26
N LYS B 110 -12.28 12.79 -20.04
CA LYS B 110 -12.84 12.68 -18.71
C LYS B 110 -12.81 11.24 -18.25
N HIS B 111 -13.04 10.30 -19.16
CA HIS B 111 -13.13 8.92 -18.74
C HIS B 111 -11.77 8.30 -18.53
N ALA B 112 -10.75 8.80 -19.24
CA ALA B 112 -9.40 8.39 -18.94
C ALA B 112 -9.04 8.74 -17.50
N TRP B 113 -9.44 9.94 -17.05
CA TRP B 113 -9.22 10.31 -15.66
C TRP B 113 -10.10 9.47 -14.75
N ARG B 114 -11.38 9.30 -15.12
CA ARG B 114 -12.29 8.51 -14.31
C ARG B 114 -11.75 7.11 -14.08
N ASN B 115 -10.93 6.62 -15.01
CA ASN B 115 -10.46 5.25 -15.02
C ASN B 115 -9.09 5.12 -14.42
N ALA B 116 -8.49 6.22 -14.01
CA ALA B 116 -7.11 6.22 -13.55
C ALA B 116 -7.10 5.63 -12.13
N SER B 117 -6.82 4.34 -12.03
CA SER B 117 -7.09 3.68 -10.75
C SER B 117 -6.14 4.15 -9.64
N ARG B 118 -5.01 4.75 -9.99
CA ARG B 118 -4.07 5.28 -9.00
C ARG B 118 -4.37 6.70 -8.54
N CYS B 119 -5.47 7.33 -8.99
CA CYS B 119 -5.71 8.74 -8.72
C CYS B 119 -6.74 8.90 -7.60
N VAL B 120 -6.32 9.54 -6.50
CA VAL B 120 -7.27 9.76 -5.39
C VAL B 120 -8.18 10.94 -5.66
N GLY B 121 -7.90 11.75 -6.68
CA GLY B 121 -8.62 12.97 -6.96
C GLY B 121 -9.82 12.81 -7.87
N ARG B 122 -10.23 11.58 -8.15
CA ARG B 122 -11.18 11.33 -9.23
C ARG B 122 -12.60 11.79 -8.90
N ILE B 123 -12.89 12.30 -7.71
CA ILE B 123 -14.25 12.79 -7.50
C ILE B 123 -14.55 13.92 -8.47
N GLN B 124 -13.50 14.58 -8.95
CA GLN B 124 -13.62 15.76 -9.80
C GLN B 124 -13.71 15.42 -11.27
N TRP B 125 -13.73 14.12 -11.62
CA TRP B 125 -13.37 13.70 -12.97
C TRP B 125 -14.27 14.34 -14.03
N SER B 126 -15.54 14.55 -13.72
CA SER B 126 -16.47 15.10 -14.69
C SER B 126 -16.30 16.60 -14.90
N LYS B 127 -15.53 17.29 -14.07
CA LYS B 127 -15.35 18.74 -14.19
C LYS B 127 -14.02 19.09 -14.86
N LEU B 128 -13.60 18.26 -15.79
CA LEU B 128 -12.35 18.45 -16.50
C LEU B 128 -12.56 19.41 -17.67
N GLN B 129 -11.78 20.47 -17.73
CA GLN B 129 -11.81 21.39 -18.87
C GLN B 129 -10.90 20.85 -19.97
N VAL B 130 -11.46 20.57 -21.13
CA VAL B 130 -10.70 19.94 -22.21
C VAL B 130 -10.38 20.96 -23.29
N PHE B 131 -9.10 21.22 -23.48
CA PHE B 131 -8.64 22.07 -24.55
C PHE B 131 -8.15 21.22 -25.71
N ASP B 132 -8.79 21.39 -26.86
CA ASP B 132 -8.50 20.64 -28.08
C ASP B 132 -7.36 21.32 -28.81
N ALA B 133 -6.15 20.80 -28.72
CA ALA B 133 -5.02 21.36 -29.44
C ALA B 133 -4.62 20.50 -30.64
N ARG B 134 -5.58 19.75 -31.19
CA ARG B 134 -5.25 18.85 -32.30
C ARG B 134 -4.95 19.58 -33.59
N ASP B 135 -5.25 20.88 -33.70
CA ASP B 135 -4.85 21.67 -34.86
C ASP B 135 -3.43 22.21 -34.75
N CYS B 136 -2.78 21.99 -33.61
CA CYS B 136 -1.40 22.46 -33.41
C CYS B 136 -0.45 21.74 -34.35
N THR B 137 0.56 22.46 -34.84
CA THR B 137 1.53 21.88 -35.76
C THR B 137 2.98 22.13 -35.40
N THR B 138 3.29 23.07 -34.51
CA THR B 138 4.69 23.43 -34.23
C THR B 138 4.90 23.55 -32.74
N ALA B 139 6.19 23.56 -32.37
CA ALA B 139 6.56 23.71 -30.97
C ALA B 139 6.07 25.04 -30.42
N HIS B 140 6.25 26.13 -31.20
CA HIS B 140 5.74 27.43 -30.78
C HIS B 140 4.24 27.37 -30.54
N GLY B 141 3.51 26.70 -31.44
CA GLY B 141 2.08 26.56 -31.23
C GLY B 141 1.78 25.78 -29.98
N MET B 142 2.61 24.79 -29.66
CA MET B 142 2.43 24.04 -28.42
C MET B 142 2.70 24.93 -27.23
N PHE B 143 3.79 25.69 -27.26
CA PHE B 143 4.06 26.66 -26.20
C PHE B 143 2.85 27.55 -25.97
N ASN B 144 2.22 28.01 -27.05
CA ASN B 144 1.08 28.90 -26.91
C ASN B 144 -0.08 28.21 -26.20
N TYR B 145 -0.41 26.98 -26.64
CA TYR B 145 -1.46 26.18 -26.01
C TYR B 145 -1.15 25.89 -24.55
N ILE B 146 0.11 25.59 -24.24
CA ILE B 146 0.48 25.26 -22.89
C ILE B 146 0.37 26.49 -21.99
N CYS B 147 0.86 27.63 -22.47
CA CYS B 147 0.72 28.86 -21.70
C CYS B 147 -0.72 29.13 -21.33
N ASN B 148 -1.62 28.96 -22.29
CA ASN B 148 -3.04 29.24 -22.05
C ASN B 148 -3.61 28.23 -21.08
N HIS B 149 -3.19 26.96 -21.19
CA HIS B 149 -3.56 25.97 -20.21
C HIS B 149 -3.17 26.44 -18.81
N VAL B 150 -1.90 26.79 -18.64
CA VAL B 150 -1.38 27.16 -17.32
C VAL B 150 -2.15 28.34 -16.76
N LYS B 151 -2.41 29.34 -17.60
CA LYS B 151 -3.14 30.51 -17.14
C LYS B 151 -4.55 30.11 -16.77
N TYR B 152 -5.21 29.33 -17.62
CA TYR B 152 -6.58 28.92 -17.32
C TYR B 152 -6.63 28.05 -16.05
N ALA B 153 -5.75 27.04 -15.98
CA ALA B 153 -5.73 26.12 -14.85
C ALA B 153 -5.41 26.86 -13.55
N THR B 154 -4.52 27.85 -13.61
CA THR B 154 -4.06 28.51 -12.40
C THR B 154 -5.13 29.43 -11.85
N ASN B 155 -5.72 30.27 -12.71
CA ASN B 155 -6.89 31.06 -12.32
C ASN B 155 -6.62 31.87 -11.04
N LYS B 156 -5.39 32.41 -10.96
CA LYS B 156 -4.98 33.25 -9.84
C LYS B 156 -5.07 32.53 -8.50
N GLY B 157 -4.85 31.21 -8.50
CA GLY B 157 -4.83 30.42 -7.28
C GLY B 157 -6.04 29.53 -7.08
N ASN B 158 -7.15 29.82 -7.75
CA ASN B 158 -8.37 29.02 -7.66
C ASN B 158 -8.30 27.98 -8.77
N LEU B 159 -7.56 26.91 -8.49
CA LEU B 159 -7.17 25.98 -9.53
C LEU B 159 -8.38 25.30 -10.17
N ARG B 160 -8.25 25.03 -11.47
CA ARG B 160 -9.28 24.38 -12.28
C ARG B 160 -8.61 23.24 -13.01
N SER B 161 -9.22 22.06 -12.97
CA SER B 161 -8.69 20.92 -13.72
C SER B 161 -8.81 21.16 -15.21
N ALA B 162 -7.75 20.81 -15.94
CA ALA B 162 -7.74 21.02 -17.38
C ALA B 162 -6.80 20.02 -18.03
N ILE B 163 -7.07 19.72 -19.28
CA ILE B 163 -6.15 18.92 -20.08
C ILE B 163 -6.10 19.55 -21.46
N THR B 164 -4.91 19.57 -22.05
CA THR B 164 -4.70 20.05 -23.42
C THR B 164 -4.23 18.90 -24.27
N ILE B 165 -4.94 18.63 -25.37
CA ILE B 165 -4.71 17.42 -26.15
C ILE B 165 -4.15 17.80 -27.51
N PHE B 166 -2.90 17.43 -27.73
CA PHE B 166 -2.19 17.67 -28.98
C PHE B 166 -2.45 16.51 -29.95
N PRO B 167 -2.06 16.67 -31.23
CA PRO B 167 -2.43 15.65 -32.24
C PRO B 167 -2.02 14.24 -31.86
N GLN B 168 -2.84 13.29 -32.27
CA GLN B 168 -2.58 11.89 -31.98
C GLN B 168 -1.43 11.36 -32.81
N ARG B 169 -0.80 10.31 -32.28
CA ARG B 169 0.21 9.59 -33.03
C ARG B 169 -0.35 9.12 -34.37
N THR B 170 0.49 9.13 -35.38
CA THR B 170 0.06 8.63 -36.68
C THR B 170 0.88 7.40 -37.02
N ASP B 171 2.10 7.60 -37.52
CA ASP B 171 2.99 6.50 -37.80
C ASP B 171 4.06 6.33 -36.72
N GLY B 172 3.99 7.10 -35.63
CA GLY B 172 4.97 7.02 -34.58
C GLY B 172 6.28 7.71 -34.88
N LYS B 173 6.47 8.21 -36.10
CA LYS B 173 7.62 9.00 -36.47
C LYS B 173 7.33 10.50 -36.40
N HIS B 174 6.12 10.88 -36.03
CA HIS B 174 5.69 12.27 -36.04
C HIS B 174 5.03 12.63 -34.72
N ASP B 175 5.51 12.06 -33.63
CA ASP B 175 4.84 12.26 -32.35
C ASP B 175 4.94 13.72 -31.90
N PHE B 176 3.88 14.16 -31.23
CA PHE B 176 3.96 15.33 -30.37
C PHE B 176 4.29 14.86 -28.96
N ARG B 177 5.32 15.46 -28.36
CA ARG B 177 5.69 15.14 -26.99
C ARG B 177 6.03 16.43 -26.25
N VAL B 178 5.62 16.48 -25.00
CA VAL B 178 6.16 17.41 -24.01
C VAL B 178 7.26 16.66 -23.27
N TRP B 179 8.51 17.09 -23.42
CA TRP B 179 9.60 16.33 -22.82
C TRP B 179 9.70 16.55 -21.31
N ASN B 180 9.04 17.57 -20.77
CA ASN B 180 8.98 17.75 -19.33
C ASN B 180 8.04 16.73 -18.71
N SER B 181 8.40 16.24 -17.52
CA SER B 181 7.50 15.33 -16.81
C SER B 181 6.29 16.07 -16.26
N GLN B 182 6.49 17.30 -15.81
CA GLN B 182 5.39 18.22 -15.48
C GLN B 182 5.70 19.60 -16.07
N LEU B 183 4.65 20.34 -16.42
CA LEU B 183 4.85 21.62 -17.07
C LEU B 183 5.68 22.56 -16.20
N ILE B 184 5.44 22.54 -14.90
CA ILE B 184 6.19 23.35 -13.95
C ILE B 184 6.93 22.41 -13.03
N ARG B 185 8.26 22.47 -13.05
CA ARG B 185 9.13 21.68 -12.20
C ARG B 185 10.44 22.43 -12.00
N TYR B 186 11.06 22.24 -10.84
CA TYR B 186 12.30 22.94 -10.52
C TYR B 186 13.50 22.18 -11.04
N ALA B 187 14.49 22.92 -11.53
CA ALA B 187 15.72 22.30 -11.98
C ALA B 187 16.44 21.59 -10.84
N GLY B 188 17.21 20.57 -11.19
CA GLY B 188 18.12 19.92 -10.25
C GLY B 188 19.49 19.77 -10.85
N TYR B 189 20.52 20.23 -10.15
CA TYR B 189 21.88 20.29 -10.68
C TYR B 189 22.80 19.41 -9.85
N LYS B 190 23.45 18.45 -10.49
CA LYS B 190 24.45 17.64 -9.82
C LYS B 190 25.76 18.44 -9.77
N GLN B 191 26.29 18.61 -8.58
CA GLN B 191 27.54 19.34 -8.44
C GLN B 191 28.71 18.37 -8.57
N PRO B 192 29.88 18.87 -8.98
CA PRO B 192 31.06 18.00 -9.05
C PRO B 192 31.37 17.27 -7.74
N ASP B 193 30.98 17.83 -6.59
CA ASP B 193 31.30 17.24 -5.29
C ASP B 193 30.29 16.18 -4.86
N GLY B 194 29.34 15.82 -5.72
CA GLY B 194 28.35 14.80 -5.44
C GLY B 194 27.03 15.33 -4.92
N SER B 195 27.01 16.53 -4.35
CA SER B 195 25.77 17.13 -3.89
C SER B 195 24.91 17.60 -5.06
N THR B 196 23.62 17.77 -4.80
CA THR B 196 22.66 18.19 -5.79
C THR B 196 22.06 19.52 -5.38
N LEU B 197 21.96 20.45 -6.31
CA LEU B 197 21.32 21.74 -6.08
C LEU B 197 19.98 21.74 -6.80
N GLY B 198 18.91 22.03 -6.07
CA GLY B 198 17.59 22.03 -6.65
C GLY B 198 16.88 20.72 -6.41
N ASP B 199 16.13 20.24 -7.39
CA ASP B 199 15.29 19.06 -7.20
C ASP B 199 15.99 17.84 -7.78
N PRO B 200 16.48 16.91 -6.96
CA PRO B 200 17.19 15.74 -7.51
C PRO B 200 16.37 14.94 -8.51
N ALA B 201 15.04 14.98 -8.39
CA ALA B 201 14.18 14.30 -9.35
C ALA B 201 14.38 14.78 -10.77
N ASN B 202 14.92 15.98 -10.96
CA ASN B 202 14.92 16.62 -12.26
C ASN B 202 16.32 16.77 -12.83
N VAL B 203 17.31 16.13 -12.22
CA VAL B 203 18.69 16.31 -12.67
C VAL B 203 18.81 15.90 -14.14
N GLN B 204 18.29 14.72 -14.50
CA GLN B 204 18.48 14.24 -15.86
C GLN B 204 17.86 15.20 -16.86
N PHE B 205 16.62 15.62 -16.60
CA PHE B 205 15.95 16.52 -17.53
C PHE B 205 16.61 17.89 -17.56
N THR B 206 17.08 18.38 -16.41
CA THR B 206 17.82 19.64 -16.38
C THR B 206 19.03 19.58 -17.31
N GLU B 207 19.77 18.47 -17.26
CA GLU B 207 20.97 18.35 -18.09
C GLU B 207 20.61 18.33 -19.57
N ILE B 208 19.49 17.68 -19.92
CA ILE B 208 19.03 17.74 -21.31
C ILE B 208 18.74 19.19 -21.71
N CYS B 209 18.05 19.93 -20.84
CA CYS B 209 17.74 21.32 -21.16
C CYS B 209 19.00 22.13 -21.36
N ILE B 210 19.95 22.01 -20.44
CA ILE B 210 21.19 22.79 -20.53
C ILE B 210 21.92 22.43 -21.81
N GLN B 211 21.92 21.16 -22.17
CA GLN B 211 22.55 20.74 -23.41
C GLN B 211 21.82 21.31 -24.62
N GLN B 212 20.49 21.35 -24.57
CA GLN B 212 19.70 21.94 -25.64
C GLN B 212 19.82 23.46 -25.70
N GLY B 213 20.66 24.08 -24.88
CA GLY B 213 20.90 25.51 -24.95
C GLY B 213 20.37 26.33 -23.80
N TRP B 214 19.70 25.71 -22.84
CA TRP B 214 19.14 26.45 -21.71
C TRP B 214 20.25 27.04 -20.86
N LYS B 215 20.10 28.32 -20.50
CA LYS B 215 21.00 28.99 -19.58
C LYS B 215 20.44 28.84 -18.17
N ALA B 216 21.07 28.02 -17.37
CA ALA B 216 20.53 27.69 -16.06
C ALA B 216 20.85 28.80 -15.06
N PRO B 217 19.86 29.28 -14.30
CA PRO B 217 20.19 30.12 -13.14
C PRO B 217 21.07 29.42 -12.13
N ARG B 218 20.98 28.08 -12.05
CA ARG B 218 21.69 27.27 -11.06
C ARG B 218 21.33 27.71 -9.64
N GLY B 219 20.03 27.87 -9.40
CA GLY B 219 19.50 28.06 -8.07
C GLY B 219 18.73 26.83 -7.60
N ARG B 220 18.24 26.89 -6.36
CA ARG B 220 17.55 25.71 -5.83
C ARG B 220 16.08 25.65 -6.23
N PHE B 221 15.52 26.71 -6.81
CA PHE B 221 14.12 26.70 -7.26
C PHE B 221 13.98 27.43 -8.60
N ASP B 222 14.71 26.95 -9.62
CA ASP B 222 14.58 27.44 -10.98
C ASP B 222 13.50 26.66 -11.71
N VAL B 223 12.45 27.35 -12.17
CA VAL B 223 11.47 26.71 -13.04
C VAL B 223 12.15 26.26 -14.33
N LEU B 224 11.96 24.99 -14.71
CA LEU B 224 12.61 24.50 -15.91
C LEU B 224 11.96 25.07 -17.16
N PRO B 225 12.69 25.13 -18.26
CA PRO B 225 12.05 25.51 -19.54
C PRO B 225 11.18 24.38 -20.04
N LEU B 226 10.16 24.76 -20.81
CA LEU B 226 9.42 23.78 -21.58
C LEU B 226 10.27 23.27 -22.74
N LEU B 227 10.31 21.96 -22.93
CA LEU B 227 11.02 21.35 -24.05
C LEU B 227 9.96 20.65 -24.88
N LEU B 228 9.67 21.18 -26.07
CA LEU B 228 8.46 20.80 -26.78
C LEU B 228 8.77 20.21 -28.15
N GLN B 229 8.17 19.05 -28.43
CA GLN B 229 8.37 18.31 -29.68
C GLN B 229 7.05 18.30 -30.45
N ALA B 230 7.06 18.85 -31.66
CA ALA B 230 5.88 18.84 -32.52
C ALA B 230 6.14 17.99 -33.75
N ASN B 231 5.21 17.10 -34.06
CA ASN B 231 5.20 16.37 -35.32
C ASN B 231 6.50 15.63 -35.59
N GLY B 232 7.16 15.16 -34.53
CA GLY B 232 8.36 14.37 -34.69
C GLY B 232 9.64 15.17 -34.86
N ASN B 233 9.59 16.49 -34.83
CA ASN B 233 10.80 17.28 -34.95
C ASN B 233 11.55 17.33 -33.61
N ASP B 234 12.80 17.78 -33.68
CA ASP B 234 13.59 17.95 -32.48
C ASP B 234 12.89 18.92 -31.54
N PRO B 235 12.95 18.69 -30.23
CA PRO B 235 12.27 19.58 -29.30
C PRO B 235 12.89 20.97 -29.27
N GLU B 236 12.10 21.94 -28.84
CA GLU B 236 12.56 23.32 -28.72
C GLU B 236 12.30 23.84 -27.30
N LEU B 237 13.18 24.75 -26.87
CA LEU B 237 13.12 25.33 -25.54
C LEU B 237 12.26 26.59 -25.51
N PHE B 238 11.36 26.66 -24.53
CA PHE B 238 10.60 27.87 -24.22
C PHE B 238 10.51 28.08 -22.72
N GLN B 239 10.72 29.32 -22.29
CA GLN B 239 10.53 29.69 -20.90
C GLN B 239 9.08 30.09 -20.69
N ILE B 240 8.39 29.39 -19.80
CA ILE B 240 7.07 29.85 -19.36
C ILE B 240 7.20 31.25 -18.79
N PRO B 241 6.36 32.21 -19.17
CA PRO B 241 6.47 33.54 -18.58
C PRO B 241 6.31 33.46 -17.07
N PRO B 242 7.22 34.05 -16.30
CA PRO B 242 7.19 33.84 -14.85
C PRO B 242 5.91 34.31 -14.21
N GLU B 243 5.26 35.33 -14.77
CA GLU B 243 3.99 35.79 -14.21
C GLU B 243 2.90 34.74 -14.34
N LEU B 244 3.11 33.73 -15.18
CA LEU B 244 2.16 32.65 -15.32
C LEU B 244 2.37 31.54 -14.30
N VAL B 245 3.53 31.51 -13.63
CA VAL B 245 3.91 30.42 -12.74
C VAL B 245 3.61 30.85 -11.31
N LEU B 246 2.49 30.39 -10.78
CA LEU B 246 2.12 30.71 -9.40
C LEU B 246 2.96 29.87 -8.45
N GLU B 247 3.66 30.54 -7.54
CA GLU B 247 4.46 29.86 -6.53
C GLU B 247 4.01 30.31 -5.13
N VAL B 248 4.21 29.43 -4.16
CA VAL B 248 3.83 29.67 -2.76
C VAL B 248 5.05 29.52 -1.87
N PRO B 249 5.49 30.58 -1.21
CA PRO B 249 6.53 30.46 -0.18
C PRO B 249 6.04 29.62 0.98
N ILE B 250 6.88 28.70 1.45
CA ILE B 250 6.47 27.76 2.48
C ILE B 250 6.92 28.29 3.83
N ARG B 251 5.95 28.61 4.69
CA ARG B 251 6.23 28.95 6.09
C ARG B 251 5.34 28.08 6.98
N HIS B 252 5.67 28.06 8.25
CA HIS B 252 4.93 27.28 9.22
C HIS B 252 4.15 28.20 10.15
N PRO B 253 2.94 27.81 10.55
CA PRO B 253 2.10 28.73 11.36
C PRO B 253 2.61 28.97 12.78
N LYS B 254 3.47 28.10 13.32
CA LYS B 254 4.04 28.31 14.64
C LYS B 254 5.55 28.46 14.64
N PHE B 255 6.25 27.91 13.65
CA PHE B 255 7.71 27.95 13.59
C PHE B 255 8.12 29.09 12.66
N ASP B 256 8.59 30.18 13.25
CA ASP B 256 8.97 31.32 12.45
C ASP B 256 10.27 31.11 11.70
N TRP B 257 11.12 30.17 12.14
CA TRP B 257 12.35 29.89 11.40
C TRP B 257 12.10 29.09 10.13
N PHE B 258 10.87 28.58 9.93
CA PHE B 258 10.61 27.73 8.78
C PHE B 258 10.73 28.51 7.49
N LYS B 259 10.19 29.74 7.45
CA LYS B 259 10.37 30.57 6.26
C LYS B 259 11.84 30.73 5.91
N ASP B 260 12.71 30.71 6.92
CA ASP B 260 14.14 30.90 6.67
C ASP B 260 14.79 29.69 6.01
N LEU B 261 14.10 28.56 5.94
CA LEU B 261 14.59 27.43 5.16
C LEU B 261 14.58 27.72 3.65
N GLY B 262 13.99 28.83 3.23
CA GLY B 262 14.04 29.26 1.84
C GLY B 262 13.19 28.44 0.89
N LEU B 263 12.24 27.67 1.40
CA LEU B 263 11.47 26.77 0.57
C LEU B 263 10.28 27.48 -0.09
N LYS B 264 10.00 27.08 -1.31
CA LYS B 264 8.77 27.44 -1.98
C LYS B 264 8.38 26.29 -2.87
N TRP B 265 7.13 26.27 -3.30
CA TRP B 265 6.70 25.30 -4.30
C TRP B 265 5.76 25.99 -5.28
N TYR B 266 5.63 25.39 -6.45
CA TYR B 266 4.67 25.92 -7.41
C TYR B 266 3.28 25.37 -7.10
N GLY B 267 2.26 26.10 -7.53
CA GLY B 267 0.89 25.75 -7.21
C GLY B 267 0.21 24.77 -8.13
N LEU B 268 0.65 24.68 -9.40
CA LEU B 268 -0.11 23.94 -10.40
C LEU B 268 0.57 22.61 -10.75
N PRO B 269 0.07 21.48 -10.23
CA PRO B 269 0.61 20.17 -10.64
C PRO B 269 0.05 19.79 -12.01
N ALA B 270 0.93 19.61 -12.98
CA ALA B 270 0.49 19.52 -14.37
C ALA B 270 1.32 18.45 -15.06
N VAL B 271 0.76 17.26 -15.18
CA VAL B 271 1.51 16.10 -15.66
C VAL B 271 1.50 16.12 -17.18
N SER B 272 2.67 15.96 -17.77
CA SER B 272 2.82 16.15 -19.21
C SER B 272 3.54 15.01 -19.91
N ASN B 273 3.85 13.90 -19.23
CA ASN B 273 4.59 12.80 -19.85
C ASN B 273 3.75 11.56 -20.07
N MET B 274 2.44 11.64 -19.91
CA MET B 274 1.65 10.44 -20.05
C MET B 274 1.01 10.40 -21.41
N LEU B 275 0.47 9.25 -21.73
CA LEU B 275 -0.16 9.02 -23.02
C LEU B 275 -1.65 8.79 -22.78
N LEU B 276 -2.47 9.51 -23.51
CA LEU B 276 -3.92 9.41 -23.44
C LEU B 276 -4.38 8.49 -24.57
N GLU B 277 -5.00 7.36 -24.21
CA GLU B 277 -5.51 6.40 -25.18
C GLU B 277 -7.03 6.45 -25.19
N ILE B 278 -7.60 6.77 -26.36
CA ILE B 278 -9.05 6.89 -26.54
C ILE B 278 -9.41 6.18 -27.83
N GLY B 279 -10.22 5.13 -27.72
CA GLY B 279 -10.68 4.41 -28.90
C GLY B 279 -9.58 3.95 -29.82
N GLY B 280 -8.45 3.54 -29.25
CA GLY B 280 -7.32 3.08 -30.02
C GLY B 280 -6.39 4.17 -30.48
N LEU B 281 -6.84 5.42 -30.46
CA LEU B 281 -5.97 6.53 -30.79
C LEU B 281 -5.05 6.82 -29.61
N GLU B 282 -3.83 7.23 -29.93
CA GLU B 282 -2.79 7.48 -28.95
C GLU B 282 -2.43 8.96 -28.98
N PHE B 283 -2.75 9.67 -27.91
CA PHE B 283 -2.41 11.07 -27.75
C PHE B 283 -1.19 11.14 -26.84
N SER B 284 -0.01 11.20 -27.46
CA SER B 284 1.28 11.19 -26.78
C SER B 284 1.62 12.51 -26.09
N ALA B 285 0.93 13.60 -26.41
CA ALA B 285 1.14 14.85 -25.69
C ALA B 285 -0.23 15.31 -25.22
N CYS B 286 -0.46 15.24 -23.92
CA CYS B 286 -1.76 15.52 -23.35
C CYS B 286 -1.63 16.09 -21.94
N PRO B 287 -0.86 17.17 -21.74
CA PRO B 287 -0.66 17.68 -20.37
C PRO B 287 -1.96 17.93 -19.64
N PHE B 288 -2.04 17.48 -18.38
CA PHE B 288 -3.23 17.70 -17.58
C PHE B 288 -2.82 18.21 -16.21
N SER B 289 -3.75 18.90 -15.56
CA SER B 289 -3.44 19.53 -14.29
C SER B 289 -4.67 19.49 -13.40
N GLY B 290 -4.44 19.44 -12.10
CA GLY B 290 -5.53 19.59 -11.18
C GLY B 290 -5.03 20.51 -10.10
N TRP B 291 -5.09 20.04 -8.85
CA TRP B 291 -4.48 20.75 -7.76
C TRP B 291 -3.84 19.74 -6.82
N TYR B 292 -2.92 20.23 -6.01
CA TYR B 292 -2.08 19.37 -5.20
C TYR B 292 -2.83 18.85 -3.99
N MET B 293 -2.67 17.57 -3.71
CA MET B 293 -2.83 17.07 -2.35
C MET B 293 -1.57 17.40 -1.57
N GLY B 294 -1.74 17.84 -0.32
CA GLY B 294 -0.63 18.42 0.42
C GLY B 294 0.56 17.50 0.57
N THR B 295 0.32 16.19 0.70
CA THR B 295 1.41 15.24 0.91
C THR B 295 2.30 15.05 -0.30
N GLU B 296 1.83 15.40 -1.50
CA GLU B 296 2.69 15.29 -2.68
C GLU B 296 3.90 16.20 -2.56
N ILE B 297 3.73 17.37 -1.96
CA ILE B 297 4.83 18.28 -1.69
C ILE B 297 5.49 17.98 -0.35
N GLY B 298 4.67 17.94 0.70
CA GLY B 298 5.19 17.88 2.05
C GLY B 298 5.88 16.55 2.37
N VAL B 299 5.34 15.45 1.85
CA VAL B 299 5.92 14.14 2.14
C VAL B 299 6.92 13.73 1.09
N ARG B 300 6.50 13.74 -0.19
CA ARG B 300 7.35 13.21 -1.25
C ARG B 300 8.36 14.26 -1.73
N ASP B 301 7.89 15.45 -2.13
CA ASP B 301 8.77 16.44 -2.78
C ASP B 301 9.83 17.03 -1.84
N TYR B 302 9.56 17.07 -0.54
CA TYR B 302 10.50 17.65 0.42
C TYR B 302 11.21 16.64 1.29
N CYS B 303 10.57 15.50 1.59
CA CYS B 303 11.06 14.59 2.62
C CYS B 303 11.60 13.28 2.07
N ASP B 304 11.26 12.90 0.83
CA ASP B 304 11.88 11.72 0.25
C ASP B 304 13.39 11.86 0.26
N ASN B 305 14.07 10.76 0.58
CA ASN B 305 15.53 10.77 0.63
C ASN B 305 16.15 11.19 -0.70
N SER B 306 15.48 10.87 -1.82
CA SER B 306 16.00 11.19 -3.14
CA SER B 306 15.96 11.17 -3.15
C SER B 306 15.43 12.49 -3.70
N ARG B 307 14.86 13.35 -2.84
CA ARG B 307 14.34 14.66 -3.23
C ARG B 307 14.98 15.77 -2.41
N TYR B 308 14.22 16.82 -2.04
CA TYR B 308 14.83 17.95 -1.34
C TYR B 308 15.34 17.56 0.02
N ASN B 309 14.74 16.53 0.64
CA ASN B 309 15.29 15.84 1.80
C ASN B 309 15.65 16.80 2.93
N ILE B 310 14.63 17.57 3.34
CA ILE B 310 14.80 18.58 4.37
C ILE B 310 14.48 18.06 5.76
N LEU B 311 14.14 16.76 5.88
CA LEU B 311 13.81 16.18 7.18
C LEU B 311 14.89 16.48 8.20
N GLU B 312 16.16 16.27 7.83
CA GLU B 312 17.26 16.50 8.75
C GLU B 312 17.26 17.95 9.23
N GLU B 313 17.23 18.90 8.29
CA GLU B 313 17.30 20.31 8.67
C GLU B 313 16.11 20.71 9.53
N VAL B 314 14.91 20.27 9.16
CA VAL B 314 13.73 20.59 9.95
C VAL B 314 13.81 19.95 11.34
N ALA B 315 14.39 18.75 11.43
CA ALA B 315 14.51 18.11 12.73
C ALA B 315 15.56 18.81 13.60
N LYS B 316 16.66 19.27 13.00
CA LYS B 316 17.64 20.05 13.78
C LYS B 316 17.00 21.32 14.30
N LYS B 317 16.27 22.05 13.44
CA LYS B 317 15.68 23.33 13.84
C LYS B 317 14.56 23.14 14.86
N MET B 318 13.90 21.98 14.84
CA MET B 318 12.93 21.66 15.88
C MET B 318 13.61 21.14 17.14
N ASP B 319 14.93 20.95 17.10
CA ASP B 319 15.72 20.40 18.20
C ASP B 319 15.12 19.09 18.69
N LEU B 320 15.10 18.12 17.78
CA LEU B 320 14.56 16.81 18.07
C LEU B 320 15.69 15.85 18.45
N ASP B 321 15.32 14.80 19.19
CA ASP B 321 16.24 13.71 19.46
C ASP B 321 16.49 12.96 18.15
N MET B 322 17.55 13.34 17.44
CA MET B 322 17.86 12.74 16.15
C MET B 322 18.82 11.57 16.25
N ARG B 323 19.23 11.18 17.47
CA ARG B 323 20.19 10.11 17.63
C ARG B 323 19.61 8.76 17.26
N LYS B 324 18.49 8.37 17.87
CA LYS B 324 17.82 7.11 17.58
C LYS B 324 16.56 7.36 16.77
N THR B 325 16.31 6.51 15.79
CA THR B 325 15.11 6.66 14.97
C THR B 325 13.84 6.43 15.78
N SER B 326 13.91 5.65 16.86
CA SER B 326 12.74 5.38 17.68
C SER B 326 12.26 6.61 18.44
N SER B 327 13.01 7.71 18.40
CA SER B 327 12.44 8.99 18.83
C SER B 327 11.38 9.50 17.88
N LEU B 328 11.27 8.94 16.66
CA LEU B 328 10.31 9.38 15.64
C LEU B 328 10.50 10.85 15.27
N TRP B 329 11.73 11.33 15.35
CA TRP B 329 12.01 12.67 14.86
C TRP B 329 11.64 12.81 13.38
N LYS B 330 11.84 11.76 12.58
CA LYS B 330 11.44 11.83 11.19
C LYS B 330 9.94 12.06 11.06
N ASP B 331 9.14 11.29 11.81
CA ASP B 331 7.70 11.43 11.70
C ASP B 331 7.25 12.79 12.21
N GLN B 332 7.91 13.30 13.25
CA GLN B 332 7.57 14.62 13.77
C GLN B 332 7.87 15.70 12.76
N ALA B 333 9.09 15.71 12.23
CA ALA B 333 9.46 16.68 11.18
C ALA B 333 8.54 16.56 9.98
N LEU B 334 8.14 15.33 9.63
CA LEU B 334 7.29 15.15 8.46
C LEU B 334 5.94 15.83 8.63
N VAL B 335 5.33 15.66 9.80
CA VAL B 335 4.03 16.30 10.06
C VAL B 335 4.17 17.82 9.99
N GLU B 336 5.23 18.37 10.61
CA GLU B 336 5.37 19.83 10.63
C GLU B 336 5.53 20.39 9.23
N ILE B 337 6.40 19.77 8.40
CA ILE B 337 6.56 20.17 7.01
C ILE B 337 5.22 20.14 6.29
N ASN B 338 4.39 19.15 6.59
CA ASN B 338 3.13 19.05 5.86
C ASN B 338 2.09 20.03 6.38
N ILE B 339 2.17 20.35 7.66
CA ILE B 339 1.40 21.46 8.21
C ILE B 339 1.76 22.75 7.50
N ALA B 340 3.06 22.98 7.31
CA ALA B 340 3.53 24.21 6.71
C ALA B 340 3.07 24.34 5.26
N VAL B 341 3.09 23.23 4.51
CA VAL B 341 2.66 23.28 3.12
C VAL B 341 1.19 23.65 3.02
N LEU B 342 0.35 22.98 3.82
CA LEU B 342 -1.08 23.29 3.76
C LEU B 342 -1.34 24.71 4.23
N TYR B 343 -0.64 25.15 5.28
CA TYR B 343 -0.87 26.49 5.80
C TYR B 343 -0.48 27.53 4.76
N SER B 344 0.61 27.29 4.04
CA SER B 344 1.11 28.28 3.09
C SER B 344 0.14 28.44 1.93
N PHE B 345 -0.25 27.33 1.30
CA PHE B 345 -1.20 27.37 0.20
C PHE B 345 -2.52 28.01 0.61
N GLN B 346 -3.11 27.55 1.71
CA GLN B 346 -4.37 28.13 2.16
C GLN B 346 -4.21 29.60 2.46
N SER B 347 -3.10 29.99 3.11
CA SER B 347 -2.85 31.40 3.40
C SER B 347 -2.79 32.23 2.14
N ASP B 348 -2.21 31.67 1.08
CA ASP B 348 -2.10 32.36 -0.19
C ASP B 348 -3.28 32.10 -1.10
N LYS B 349 -4.33 31.48 -0.59
CA LYS B 349 -5.57 31.25 -1.35
C LYS B 349 -5.29 30.46 -2.63
N VAL B 350 -4.36 29.51 -2.56
CA VAL B 350 -4.07 28.59 -3.65
C VAL B 350 -4.66 27.24 -3.31
N THR B 351 -5.45 26.69 -4.22
CA THR B 351 -6.19 25.47 -3.94
C THR B 351 -5.24 24.35 -3.53
N ILE B 352 -5.57 23.69 -2.43
CA ILE B 352 -4.86 22.50 -1.99
C ILE B 352 -5.85 21.69 -1.18
N VAL B 353 -5.60 20.39 -1.08
CA VAL B 353 -6.45 19.52 -0.27
C VAL B 353 -5.55 18.66 0.62
N ASP B 354 -5.92 18.53 1.89
CA ASP B 354 -5.12 17.69 2.76
C ASP B 354 -5.46 16.23 2.50
N HIS B 355 -4.59 15.35 2.98
CA HIS B 355 -4.82 13.95 2.63
C HIS B 355 -6.03 13.36 3.35
N HIS B 356 -6.42 13.94 4.48
CA HIS B 356 -7.66 13.51 5.15
C HIS B 356 -8.87 13.83 4.30
N SER B 357 -8.97 15.09 3.84
CA SER B 357 -10.13 15.48 3.04
CA SER B 357 -10.12 15.48 3.03
C SER B 357 -10.17 14.72 1.73
N ALA B 358 -9.01 14.52 1.09
CA ALA B 358 -8.97 13.90 -0.23
C ALA B 358 -9.39 12.43 -0.18
N THR B 359 -8.95 11.71 0.86
CA THR B 359 -9.29 10.29 0.93
C THR B 359 -10.75 10.09 1.29
N GLU B 360 -11.26 10.88 2.23
CA GLU B 360 -12.68 10.87 2.54
C GLU B 360 -13.54 11.11 1.29
N SER B 361 -13.12 12.07 0.45
CA SER B 361 -13.83 12.30 -0.81
C SER B 361 -13.73 11.09 -1.72
N PHE B 362 -12.53 10.51 -1.81
CA PHE B 362 -12.38 9.34 -2.66
C PHE B 362 -13.32 8.21 -2.24
N ILE B 363 -13.47 8.00 -0.93
CA ILE B 363 -14.37 6.94 -0.48
C ILE B 363 -15.80 7.24 -0.92
N LYS B 364 -16.26 8.47 -0.69
CA LYS B 364 -17.55 8.90 -1.22
C LYS B 364 -17.62 8.67 -2.72
N HIS B 365 -16.60 9.13 -3.45
CA HIS B 365 -16.58 8.93 -4.90
C HIS B 365 -16.70 7.46 -5.25
N MET B 366 -15.89 6.63 -4.59
CA MET B 366 -15.82 5.22 -4.93
C MET B 366 -17.14 4.51 -4.67
N GLU B 367 -17.74 4.75 -3.50
CA GLU B 367 -19.07 4.21 -3.24
C GLU B 367 -20.07 4.67 -4.30
N ASN B 368 -20.04 5.95 -4.65
CA ASN B 368 -20.98 6.44 -5.66
C ASN B 368 -20.73 5.76 -7.00
N GLU B 369 -19.46 5.47 -7.32
CA GLU B 369 -19.14 4.81 -8.59
C GLU B 369 -19.62 3.36 -8.60
N TYR B 370 -19.48 2.65 -7.47
CA TYR B 370 -20.01 1.29 -7.38
C TYR B 370 -21.52 1.26 -7.62
N ARG B 371 -22.24 2.29 -7.19
CA ARG B 371 -23.68 2.28 -7.35
C ARG B 371 -24.10 2.67 -8.77
N CYS B 372 -23.55 3.76 -9.30
CA CYS B 372 -23.99 4.27 -10.59
CA CYS B 372 -24.01 4.24 -10.59
C CYS B 372 -23.28 3.59 -11.76
N ARG B 373 -22.06 3.10 -11.55
CA ARG B 373 -21.26 2.53 -12.62
C ARG B 373 -20.95 1.06 -12.45
N GLY B 374 -21.14 0.50 -11.25
CA GLY B 374 -20.85 -0.90 -11.03
C GLY B 374 -19.43 -1.17 -10.59
N GLY B 375 -18.72 -0.17 -10.14
CA GLY B 375 -17.39 -0.37 -9.62
C GLY B 375 -16.54 0.87 -9.84
N CYS B 376 -15.33 0.76 -9.36
CA CYS B 376 -14.38 1.85 -9.41
C CYS B 376 -13.01 1.24 -9.25
N PRO B 377 -12.26 1.04 -10.34
CA PRO B 377 -10.91 0.51 -10.18
C PRO B 377 -10.06 1.46 -9.34
N ALA B 378 -9.31 0.88 -8.42
CA ALA B 378 -8.52 1.66 -7.49
C ALA B 378 -7.29 0.86 -7.11
N ASP B 379 -6.15 1.55 -7.13
CA ASP B 379 -4.88 0.93 -6.78
C ASP B 379 -4.58 1.36 -5.35
N TRP B 380 -4.81 0.42 -4.41
CA TRP B 380 -4.65 0.73 -2.99
C TRP B 380 -3.26 1.30 -2.70
N VAL B 381 -2.23 0.70 -3.32
CA VAL B 381 -0.84 1.06 -3.11
C VAL B 381 -0.61 2.54 -3.38
N TRP B 382 -1.38 3.09 -4.30
CA TRP B 382 -1.25 4.47 -4.72
C TRP B 382 -2.29 5.36 -4.07
N ILE B 383 -3.45 4.82 -3.74
CA ILE B 383 -4.51 5.65 -3.20
C ILE B 383 -4.22 6.01 -1.75
N VAL B 384 -3.65 5.08 -0.99
CA VAL B 384 -3.36 5.38 0.42
C VAL B 384 -2.26 6.45 0.49
N PRO B 385 -2.46 7.53 1.24
CA PRO B 385 -1.47 8.60 1.34
C PRO B 385 -0.17 8.10 1.93
N PRO B 386 0.96 8.77 1.63
CA PRO B 386 2.27 8.32 2.09
C PRO B 386 2.63 8.72 3.51
N MET B 387 1.73 9.39 4.22
CA MET B 387 1.83 9.47 5.67
C MET B 387 0.45 9.16 6.25
N SER B 388 0.46 8.76 7.52
CA SER B 388 -0.78 8.62 8.28
C SER B 388 -1.78 7.71 7.58
N GLY B 389 -1.27 6.71 6.86
CA GLY B 389 -2.15 5.87 6.05
C GLY B 389 -3.37 5.37 6.81
N SER B 390 -3.17 4.73 7.97
CA SER B 390 -4.33 4.05 8.53
C SER B 390 -5.31 4.97 9.24
N ILE B 391 -5.03 6.26 9.39
CA ILE B 391 -6.06 7.11 9.95
C ILE B 391 -6.81 7.81 8.81
N THR B 392 -6.50 7.43 7.56
CA THR B 392 -7.37 7.83 6.47
C THR B 392 -8.27 6.67 6.10
N PRO B 393 -9.51 6.96 5.69
CA PRO B 393 -10.49 5.89 5.54
C PRO B 393 -10.24 4.97 4.36
N VAL B 394 -9.29 5.28 3.45
CA VAL B 394 -9.03 4.37 2.33
C VAL B 394 -8.18 3.18 2.77
N PHE B 395 -7.32 3.37 3.77
CA PHE B 395 -6.49 2.28 4.28
C PHE B 395 -7.32 1.02 4.56
N HIS B 396 -8.50 1.19 5.16
CA HIS B 396 -9.34 0.04 5.51
C HIS B 396 -10.29 -0.38 4.40
N GLN B 397 -10.21 0.28 3.23
CA GLN B 397 -11.09 -0.01 2.12
C GLN B 397 -10.43 -1.06 1.23
N GLU B 398 -11.09 -2.20 1.04
CA GLU B 398 -10.63 -3.11 0.01
C GLU B 398 -10.89 -2.47 -1.37
N MET B 399 -9.98 -2.70 -2.32
CA MET B 399 -10.11 -2.11 -3.63
C MET B 399 -9.77 -3.11 -4.72
N LEU B 400 -10.53 -3.07 -5.81
CA LEU B 400 -10.25 -3.88 -6.98
C LEU B 400 -9.51 -3.04 -8.01
N ASN B 401 -8.39 -3.55 -8.48
CA ASN B 401 -7.59 -2.85 -9.46
C ASN B 401 -7.72 -3.58 -10.79
N TYR B 402 -8.10 -2.84 -11.84
CA TYR B 402 -8.20 -3.37 -13.18
C TYR B 402 -8.20 -2.19 -14.13
N ARG B 403 -7.97 -2.48 -15.40
CA ARG B 403 -7.66 -1.48 -16.41
C ARG B 403 -8.85 -1.30 -17.35
N LEU B 404 -9.39 -0.10 -17.36
CA LEU B 404 -10.46 0.32 -18.27
C LEU B 404 -9.90 1.30 -19.28
N THR B 405 -10.46 1.28 -20.53
CA THR B 405 -10.16 2.36 -21.48
C THR B 405 -11.40 3.23 -21.68
N PRO B 406 -11.22 4.52 -22.03
CA PRO B 406 -9.98 5.29 -22.20
C PRO B 406 -9.08 5.28 -20.97
N SER B 407 -7.77 5.49 -21.14
CA SER B 407 -6.84 5.45 -20.02
C SER B 407 -5.65 6.37 -20.28
N PHE B 408 -5.04 6.81 -19.19
CA PHE B 408 -3.69 7.37 -19.25
C PHE B 408 -2.69 6.25 -19.01
N GLU B 409 -1.71 6.15 -19.90
CA GLU B 409 -0.68 5.13 -19.83
C GLU B 409 0.67 5.82 -19.72
N TYR B 410 1.65 5.05 -19.24
CA TYR B 410 3.02 5.52 -19.28
C TYR B 410 3.55 5.36 -20.69
N GLN B 411 4.60 6.12 -20.99
CA GLN B 411 5.24 5.98 -22.29
C GLN B 411 6.72 6.23 -22.07
N PRO B 412 7.56 5.65 -22.93
CA PRO B 412 9.01 5.83 -22.75
C PRO B 412 9.39 7.30 -22.80
N ASP B 413 10.39 7.64 -21.97
CA ASP B 413 10.96 8.97 -22.02
C ASP B 413 11.37 9.29 -23.45
N PRO B 414 11.05 10.48 -23.96
CA PRO B 414 11.28 10.74 -25.38
C PRO B 414 12.74 10.76 -25.74
N TRP B 415 13.61 11.19 -24.83
CA TRP B 415 15.02 11.22 -25.19
C TRP B 415 15.62 9.84 -25.42
N ASN B 416 14.92 8.78 -25.03
CA ASN B 416 15.42 7.43 -25.24
C ASN B 416 14.92 6.82 -26.54
N THR B 417 13.93 7.42 -27.18
CA THR B 417 13.37 6.90 -28.42
C THR B 417 13.50 7.86 -29.60
N HIS B 418 13.63 9.17 -29.36
CA HIS B 418 13.56 10.15 -30.42
C HIS B 418 14.70 10.02 -31.42
N VAL B 419 14.35 10.06 -32.70
CA VAL B 419 15.35 10.09 -33.77
C VAL B 419 15.73 11.56 -34.03
N TRP B 420 17.00 11.89 -33.86
CA TRP B 420 17.42 13.29 -33.89
C TRP B 420 17.61 13.77 -35.33
N LYS B 421 16.90 14.85 -35.69
CA LYS B 421 17.03 15.43 -37.02
C LYS B 421 18.34 16.20 -37.16
N GLY B 422 18.61 17.09 -36.20
CA GLY B 422 19.83 17.89 -36.23
C GLY B 422 19.63 19.37 -35.95
CHA HEM C . 2.04 -10.14 10.14
CHB HEM C . 5.56 -7.96 12.62
CHC HEM C . 6.98 -12.23 14.42
CHD HEM C . 3.94 -14.47 11.44
C1A HEM C . 2.75 -9.15 10.76
C2A HEM C . 2.47 -7.72 10.83
C3A HEM C . 3.45 -7.14 11.52
C4A HEM C . 4.39 -8.16 11.91
CMA HEM C . 3.55 -5.63 11.85
CAA HEM C . 1.25 -6.95 10.28
CBA HEM C . -0.01 -7.51 10.93
CGA HEM C . -0.91 -6.40 11.38
O1A HEM C . -0.58 -5.21 11.14
O2A HEM C . -1.99 -6.72 11.96
C1B HEM C . 6.27 -8.90 13.31
C2B HEM C . 7.44 -8.67 14.13
C3B HEM C . 7.86 -9.85 14.62
C4B HEM C . 6.95 -10.87 14.13
CMB HEM C . 8.12 -7.30 14.38
CAB HEM C . 9.08 -9.99 15.56
CBB HEM C . 9.57 -11.18 15.95
C1C HEM C . 6.26 -13.22 13.82
C2C HEM C . 6.36 -14.65 14.09
C3C HEM C . 5.50 -15.28 13.27
C4C HEM C . 4.86 -14.27 12.44
CMC HEM C . 7.28 -15.25 15.20
CAC HEM C . 5.23 -16.79 13.13
CBC HEM C . 6.05 -17.72 13.62
C1D HEM C . 3.17 -13.49 10.85
C2D HEM C . 2.09 -13.74 9.90
C3D HEM C . 1.57 -12.56 9.54
C4D HEM C . 2.29 -11.50 10.23
CMD HEM C . 1.60 -15.11 9.38
CAD HEM C . 0.40 -12.41 8.56
CBD HEM C . -0.72 -11.72 9.30
CGD HEM C . -2.01 -11.98 8.59
O1D HEM C . -1.99 -12.59 7.48
O2D HEM C . -3.05 -11.55 9.15
NA HEM C . 3.94 -9.37 11.42
NB HEM C . 6.00 -10.26 13.32
NC HEM C . 5.35 -13.05 12.81
ND HEM C . 3.28 -12.11 11.00
FE HEM C . 4.93 -11.23 11.83
N1 H4B D . -1.54 -3.76 6.84
C2 H4B D . -1.23 -4.27 8.05
N2 H4B D . 0.09 -4.33 8.41
N3 H4B D . -2.21 -4.71 8.87
C4 H4B D . -3.51 -4.64 8.50
O4 H4B D . -4.40 -5.06 9.28
C4A H4B D . -3.84 -4.12 7.24
C8A H4B D . -2.82 -3.68 6.43
N5 H4B D . -5.12 -4.03 6.79
N8 H4B D . -3.05 -3.15 5.21
C6 H4B D . -5.31 -3.93 5.33
C7 H4B D . -4.38 -2.91 4.70
C9 H4B D . -6.72 -3.54 4.89
O9 H4B D . -7.02 -2.25 5.38
C10 H4B D . -6.82 -3.48 3.37
C11 H4B D . -8.18 -2.95 2.96
O10 H4B D . -6.59 -4.76 2.77
C02 V5G E . 4.03 -9.01 15.97
C03 V5G E . 4.49 -10.32 16.11
C04 V5G E . 3.58 -11.36 16.04
C05 V5G E . 2.24 -11.09 15.84
C06 V5G E . 1.82 -9.77 15.70
C07 V5G E . 0.36 -9.48 15.48
C08 V5G E . 0.16 -9.23 13.99
C09 V5G E . -0.49 -10.47 13.43
C10 V5G E . 0.33 -11.50 12.97
C11 V5G E . -0.24 -12.65 12.45
C12 V5G E . -1.64 -12.79 12.41
C13 V5G E . -2.45 -11.76 12.89
C15 V5G E . -4.38 -13.11 12.31
C16 V5G E . -5.89 -13.02 12.26
C17 V5G E . -6.55 -11.91 12.78
C18 V5G E . -7.94 -11.82 12.73
C19 V5G E . -8.67 -12.86 12.15
C20 V5G E . -10.07 -12.80 12.10
C21 V5G E . -10.76 -13.86 11.51
C22 V5G E . -10.06 -14.95 11.00
C25 V5G E . -8.01 -13.97 11.63
C26 V5G E . -6.63 -14.05 11.68
C27 V5G E . -1.89 -10.59 13.40
N01 V5G E . 4.91 -7.99 16.06
N23 V5G E . -10.73 -15.99 10.43
N24 V5G E . -8.71 -14.98 11.07
N28 V5G E . 2.72 -8.76 15.77
O14 V5G E . -3.82 -11.92 12.84
C ACT F . 12.62 -6.87 14.12
O ACT F . 13.10 -6.48 15.23
OXT ACT F . 12.82 -6.23 13.06
CH3 ACT F . 11.72 -8.05 14.10
C1 GOL G . -4.95 -9.91 10.58
O1 GOL G . -3.91 -9.00 10.85
C2 GOL G . -6.18 -9.21 10.03
O2 GOL G . -6.60 -8.23 10.95
C3 GOL G . -7.28 -10.25 9.76
O3 GOL G . -8.51 -9.66 9.45
ZN ZN H . -2.39 -8.57 -7.88
CHA HEM I . -2.33 10.01 -9.63
CHB HEM I . -4.31 13.44 -6.87
CHC HEM I . -6.26 15.53 -10.81
CHD HEM I . -4.87 11.75 -13.41
C1A HEM I . -2.55 10.86 -8.56
C2A HEM I . -1.82 10.94 -7.31
C3A HEM I . -2.36 11.90 -6.57
C4A HEM I . -3.48 12.46 -7.28
CMA HEM I . -1.87 12.28 -5.17
CAA HEM I . -0.59 10.12 -6.88
CBA HEM I . 0.59 10.51 -7.75
CGA HEM I . 1.86 10.49 -6.96
O1A HEM I . 1.80 10.43 -5.70
O2A HEM I . 2.94 10.55 -7.61
C1B HEM I . -5.01 14.30 -7.69
C2B HEM I . -5.72 15.47 -7.24
C3B HEM I . -6.28 16.05 -8.31
C4B HEM I . -5.93 15.26 -9.49
CMB HEM I . -5.81 15.94 -5.76
CAB HEM I . -7.12 17.36 -8.21
CBB HEM I . -7.86 17.84 -9.20
C1C HEM I . -6.02 14.72 -11.90
C2C HEM I . -6.36 14.99 -13.29
C3C HEM I . -5.97 13.94 -14.01
C4C HEM I . -5.38 12.97 -13.09
CMC HEM I . -7.05 16.30 -13.80
CAC HEM I . -6.12 13.69 -15.54
CBC HEM I . -7.08 14.29 -16.27
C1D HEM I . -4.07 10.98 -12.60
C2D HEM I . -3.34 9.81 -13.07
C3D HEM I . -2.63 9.32 -12.04
C4D HEM I . -2.88 10.18 -10.88
CMD HEM I . -3.37 9.23 -14.51
CAD HEM I . -1.73 8.08 -12.13
CBD HEM I . -0.34 8.50 -11.68
CGD HEM I . 0.66 7.55 -12.25
O1D HEM I . 0.23 6.52 -12.84
O2D HEM I . 1.89 7.82 -12.09
NA HEM I . -3.55 11.81 -8.50
NB HEM I . -5.15 14.18 -9.08
NC HEM I . -5.42 13.48 -11.82
ND HEM I . -3.76 11.19 -11.26
FE HEM I . -4.77 12.46 -10.11
N1 H4B J . 1.92 5.85 -4.18
C2 H4B J . 1.85 7.13 -4.66
N2 H4B J . 0.74 7.87 -4.43
N3 H4B J . 2.89 7.65 -5.36
C4 H4B J . 4.00 6.91 -5.60
O4 H4B J . 4.94 7.41 -6.26
C4A H4B J . 4.07 5.60 -5.12
C8A H4B J . 3.01 5.09 -4.40
N5 H4B J . 5.16 4.83 -5.35
N8 H4B J . 3.05 3.82 -3.90
C6 H4B J . 4.96 3.37 -5.29
C7 H4B J . 4.23 2.98 -4.01
C9 H4B J . 6.27 2.59 -5.44
O9 H4B J . 7.28 3.17 -4.59
C10 H4B J . 6.07 1.11 -5.11
C11 H4B J . 7.38 0.33 -5.14
O10 H4B J . 5.14 0.53 -6.03
C02 V5G K . -2.18 16.16 -8.50
C03 V5G K . -2.90 16.44 -9.66
C04 V5G K . -2.35 16.21 -10.92
C05 V5G K . -1.06 15.69 -10.99
C06 V5G K . -0.38 15.43 -9.80
C07 V5G K . 1.02 14.87 -9.81
C08 V5G K . 0.86 13.39 -9.46
C09 V5G K . 0.85 12.64 -10.77
C10 V5G K . -0.37 12.41 -11.39
C11 V5G K . -0.38 11.74 -12.62
C12 V5G K . 0.81 11.31 -13.21
C13 V5G K . 2.03 11.56 -12.57
C15 V5G K . 3.22 10.16 -14.19
C16 V5G K . 4.67 9.86 -14.50
C17 V5G K . 5.67 10.34 -13.65
C18 V5G K . 7.01 10.07 -13.92
C19 V5G K . 7.36 9.32 -15.03
C20 V5G K . 8.69 9.04 -15.33
C21 V5G K . 9.00 8.28 -16.45
C22 V5G K . 7.97 7.82 -17.28
C25 V5G K . 6.36 8.84 -15.88
C26 V5G K . 5.02 9.11 -15.62
C27 V5G K . 2.05 12.23 -11.34
N01 V5G K . -2.70 16.40 -7.26
N23 V5G K . 8.26 7.09 -18.39
N24 V5G K . 6.68 8.10 -16.98
N28 V5G K . -0.95 15.66 -8.59
O14 V5G K . 3.21 11.14 -13.16
C ACT L . -10.09 16.49 -4.03
O ACT L . -10.87 16.31 -3.05
OXT ACT L . -10.02 17.58 -4.66
CH3 ACT L . -9.12 15.39 -4.37
C1 GOL M . 5.23 8.61 -10.11
O1 GOL M . 3.99 9.28 -10.30
C2 GOL M . 5.66 7.90 -11.39
O2 GOL M . 4.63 7.13 -11.97
C3 GOL M . 6.96 7.10 -11.26
O3 GOL M . 7.10 6.29 -12.41
#